data_5FPM
#
_entry.id   5FPM
#
_cell.length_a   48.860
_cell.length_b   94.960
_cell.length_c   81.540
_cell.angle_alpha   90.00
_cell.angle_beta   89.98
_cell.angle_gamma   90.00
#
_symmetry.space_group_name_H-M   'P 1 21 1'
#
loop_
_entity.id
_entity.type
_entity.pdbx_description
1 polymer 'HEAT SHOCK-RELATED 70KDA PROTEIN 2'
2 non-polymer 5-PHENYL-1,3,4-OXADIAZOLE-2-THIOL
3 water water
#
_entity_poly.entity_id   1
_entity_poly.type   'polypeptide(L)'
_entity_poly.pdbx_seq_one_letter_code
;GSHMRGPAIGIDLGTTYSCVGVFQHGKVEIIANDQGNRTTPSYVAFTDTERLIGDAAKNQVAMNPTNTIFDAKRLIGRKF
EDATVQSDMKHWPFRVVSEGGKPKVQVEYKGETKTFFPEEISSMVLTKMKEIAEAYLGGKVHSAVITVPAYFNDSQRQAT
KDAGTITGLNVLRIINEPTAAAIAYGLDKKGCAGGEKNVLIFDLGGGTFDVSILTIEDGIFEVKSTAGDTHLGGEDFDNR
MVSHLAEEFKRKHKKDIGPNKRAVRRLRTACERAKRTLSSSTQASIEIDSLYEGVDFYTSITRARFEELNADLFRGTLEP
VEKALRDAKLDKGQIQEIVLVGGSTRIPKIQKLLQDFFNGKELNKSINPDEAVAYGAAVQAAILIGD
;
_entity_poly.pdbx_strand_id   A,B
#
# COMPACT_ATOMS: atom_id res chain seq x y z
N GLY A 6 9.07 5.93 -35.86
CA GLY A 6 9.63 5.99 -34.52
C GLY A 6 8.69 6.53 -33.45
N PRO A 7 9.15 6.63 -32.18
CA PRO A 7 10.47 6.20 -31.67
C PRO A 7 10.70 4.69 -31.71
N ALA A 8 11.97 4.32 -31.86
CA ALA A 8 12.42 2.93 -31.69
C ALA A 8 12.47 2.49 -30.22
N ILE A 9 11.45 1.74 -29.69
CA ILE A 9 11.35 1.35 -28.24
C ILE A 9 11.56 -0.15 -27.97
N GLY A 10 12.38 -0.45 -26.96
CA GLY A 10 12.59 -1.82 -26.49
C GLY A 10 12.06 -2.00 -25.08
N ILE A 11 11.27 -3.05 -24.84
CA ILE A 11 10.77 -3.31 -23.48
C ILE A 11 11.15 -4.71 -22.99
N ASP A 12 11.90 -4.78 -21.90
CA ASP A 12 12.09 -6.02 -21.16
C ASP A 12 10.94 -6.14 -20.15
N LEU A 13 9.97 -7.00 -20.42
CA LEU A 13 8.83 -7.18 -19.50
C LEU A 13 9.22 -8.29 -18.55
N GLY A 14 9.80 -7.89 -17.44
CA GLY A 14 10.45 -8.82 -16.52
C GLY A 14 9.52 -9.41 -15.49
N THR A 15 9.88 -10.56 -14.93
CA THR A 15 9.09 -11.27 -13.93
C THR A 15 8.82 -10.33 -12.71
N THR A 16 9.87 -9.65 -12.17
CA THR A 16 9.63 -8.73 -11.05
C THR A 16 9.95 -7.27 -11.35
N TYR A 17 10.84 -7.01 -12.31
CA TYR A 17 11.19 -5.67 -12.79
C TYR A 17 11.20 -5.62 -14.30
N SER A 18 10.75 -4.52 -14.83
CA SER A 18 10.76 -4.24 -16.28
C SER A 18 11.73 -3.07 -16.60
N CYS A 19 12.13 -2.94 -17.87
CA CYS A 19 13.12 -1.92 -18.28
C CYS A 19 12.73 -1.46 -19.69
N VAL A 20 12.90 -0.17 -19.98
CA VAL A 20 12.53 0.36 -21.29
C VAL A 20 13.72 1.17 -21.81
N GLY A 21 14.03 0.99 -23.10
CA GLY A 21 15.10 1.73 -23.77
C GLY A 21 14.65 2.28 -25.10
N VAL A 22 15.34 3.33 -25.57
CA VAL A 22 15.11 3.94 -26.88
C VAL A 22 16.43 3.96 -27.64
N PHE A 23 16.38 3.69 -28.93
CA PHE A 23 17.50 3.82 -29.83
C PHE A 23 17.31 5.11 -30.59
N GLN A 24 18.27 6.03 -30.45
CA GLN A 24 18.15 7.44 -30.89
C GLN A 24 19.58 7.91 -31.15
N HIS A 25 19.83 8.67 -32.25
CA HIS A 25 21.19 9.12 -32.61
C HIS A 25 22.23 8.00 -32.59
N GLY A 26 21.88 6.84 -33.16
CA GLY A 26 22.76 5.69 -33.29
C GLY A 26 23.08 4.87 -32.05
N LYS A 27 22.45 5.17 -30.89
CA LYS A 27 22.76 4.45 -29.63
C LYS A 27 21.54 4.30 -28.71
N VAL A 28 21.61 3.38 -27.73
CA VAL A 28 20.53 3.09 -26.79
C VAL A 28 20.64 3.97 -25.56
N GLU A 29 19.56 4.54 -25.16
CA GLU A 29 19.42 5.24 -23.89
C GLU A 29 18.40 4.46 -23.10
N ILE A 30 18.83 3.95 -21.95
CA ILE A 30 17.91 3.28 -21.03
C ILE A 30 17.20 4.38 -20.25
N ILE A 31 15.89 4.25 -20.00
CA ILE A 31 15.08 5.36 -19.53
C ILE A 31 14.70 5.23 -18.06
N ALA A 32 15.11 6.22 -17.25
CA ALA A 32 14.71 6.25 -15.84
C ALA A 32 13.27 6.65 -15.72
N ASN A 33 12.62 6.06 -14.75
CA ASN A 33 11.22 6.36 -14.46
C ASN A 33 11.10 7.65 -13.58
N ASP A 34 9.88 7.98 -13.08
CA ASP A 34 9.64 9.24 -12.35
C ASP A 34 10.31 9.28 -10.97
N GLN A 35 10.76 8.11 -10.46
CA GLN A 35 11.53 8.08 -9.22
C GLN A 35 13.03 7.98 -9.52
N GLY A 36 13.42 8.23 -10.77
CA GLY A 36 14.82 8.09 -11.21
C GLY A 36 15.33 6.67 -11.33
N ASN A 37 14.45 5.66 -11.29
CA ASN A 37 14.89 4.27 -11.35
C ASN A 37 14.92 3.77 -12.79
N ARG A 38 16.04 3.21 -13.19
CA ARG A 38 16.27 2.71 -14.55
C ARG A 38 15.59 1.36 -14.81
N THR A 39 15.07 0.71 -13.74
CA THR A 39 14.17 -0.45 -13.89
C THR A 39 12.92 -0.15 -13.03
N THR A 40 11.78 -0.77 -13.37
CA THR A 40 10.47 -0.49 -12.75
C THR A 40 9.85 -1.80 -12.24
N PRO A 41 9.39 -1.89 -10.97
CA PRO A 41 8.70 -3.13 -10.54
C PRO A 41 7.55 -3.56 -11.46
N SER A 42 7.46 -4.86 -11.79
CA SER A 42 6.35 -5.38 -12.60
C SER A 42 5.19 -5.69 -11.61
N TYR A 43 4.70 -4.64 -10.94
CA TYR A 43 3.81 -4.72 -9.80
C TYR A 43 2.63 -3.85 -10.07
N VAL A 44 1.43 -4.34 -9.76
CA VAL A 44 0.19 -3.57 -9.90
C VAL A 44 -0.56 -3.75 -8.60
N ALA A 45 -0.96 -2.66 -7.95
CA ALA A 45 -1.71 -2.73 -6.69
C ALA A 45 -3.07 -2.09 -6.87
N PHE A 46 -4.07 -2.69 -6.25
CA PHE A 46 -5.43 -2.18 -6.25
C PHE A 46 -5.75 -1.72 -4.87
N THR A 47 -6.22 -0.48 -4.75
CA THR A 47 -6.56 0.07 -3.45
C THR A 47 -8.06 0.42 -3.41
N ASP A 48 -8.49 1.00 -2.31
CA ASP A 48 -9.85 1.53 -2.14
C ASP A 48 -10.18 2.62 -3.16
N THR A 49 -9.18 3.34 -3.69
CA THR A 49 -9.44 4.41 -4.67
C THR A 49 -8.77 4.26 -6.00
N GLU A 50 -7.64 3.53 -6.08
CA GLU A 50 -6.85 3.63 -7.31
C GLU A 50 -6.03 2.38 -7.65
N ARG A 51 -5.52 2.36 -8.87
CA ARG A 51 -4.54 1.37 -9.32
C ARG A 51 -3.17 2.01 -9.27
N LEU A 52 -2.25 1.37 -8.59
CA LEU A 52 -0.85 1.81 -8.53
C LEU A 52 -0.03 0.86 -9.36
N ILE A 53 0.91 1.40 -10.18
CA ILE A 53 1.79 0.57 -10.98
C ILE A 53 3.24 0.92 -10.73
N GLY A 54 4.08 -0.11 -10.61
CA GLY A 54 5.52 0.11 -10.62
C GLY A 54 6.00 0.40 -9.22
N ASP A 55 6.83 1.45 -9.06
CA ASP A 55 7.42 1.79 -7.76
C ASP A 55 6.36 2.08 -6.72
N ALA A 56 5.28 2.81 -7.10
CA ALA A 56 4.18 3.14 -6.17
C ALA A 56 3.51 1.86 -5.67
N ALA A 57 3.35 0.84 -6.55
CA ALA A 57 2.76 -0.45 -6.19
C ALA A 57 3.73 -1.24 -5.28
N LYS A 58 4.98 -1.45 -5.70
CA LYS A 58 5.97 -2.13 -4.86
C LYS A 58 6.14 -1.47 -3.47
N ASN A 59 6.14 -0.13 -3.41
CA ASN A 59 6.38 0.61 -2.18
C ASN A 59 5.34 0.39 -1.08
N GLN A 60 4.06 0.09 -1.43
CA GLN A 60 2.98 -0.21 -0.45
C GLN A 60 2.65 -1.73 -0.36
N VAL A 61 3.51 -2.59 -0.95
CA VAL A 61 3.21 -4.03 -0.98
C VAL A 61 2.99 -4.63 0.42
N ALA A 62 3.78 -4.21 1.44
CA ALA A 62 3.68 -4.77 2.81
C ALA A 62 2.36 -4.36 3.48
N MET A 63 1.85 -3.19 3.07
CA MET A 63 0.63 -2.61 3.61
C MET A 63 -0.59 -3.22 2.96
N ASN A 64 -0.44 -3.83 1.79
CA ASN A 64 -1.59 -4.23 0.98
C ASN A 64 -1.25 -5.53 0.21
N PRO A 65 -0.76 -6.59 0.92
CA PRO A 65 -0.19 -7.75 0.19
C PRO A 65 -1.18 -8.55 -0.65
N THR A 66 -2.45 -8.64 -0.22
CA THR A 66 -3.44 -9.46 -0.95
C THR A 66 -3.96 -8.79 -2.22
N ASN A 67 -3.70 -7.49 -2.41
CA ASN A 67 -4.24 -6.77 -3.57
C ASN A 67 -3.14 -6.18 -4.44
N THR A 68 -1.89 -6.59 -4.17
CA THR A 68 -0.72 -6.18 -4.94
C THR A 68 -0.23 -7.37 -5.73
N ILE A 69 -0.33 -7.29 -7.06
CA ILE A 69 0.02 -8.34 -7.99
C ILE A 69 1.48 -8.22 -8.44
N PHE A 70 2.18 -9.33 -8.40
CA PHE A 70 3.49 -9.42 -9.06
C PHE A 70 3.52 -10.85 -9.66
N ASP A 71 4.58 -11.18 -10.41
CA ASP A 71 4.75 -12.50 -11.05
C ASP A 71 3.63 -12.89 -12.00
N ALA A 72 2.88 -11.91 -12.59
CA ALA A 72 1.90 -12.23 -13.64
C ALA A 72 2.58 -12.96 -14.78
N LYS A 73 3.91 -12.71 -14.99
CA LYS A 73 4.69 -13.44 -16.02
C LYS A 73 4.70 -14.95 -15.83
N ARG A 74 4.52 -15.41 -14.58
CA ARG A 74 4.51 -16.85 -14.30
C ARG A 74 3.16 -17.47 -14.68
N LEU A 75 2.13 -16.62 -14.85
CA LEU A 75 0.77 -17.06 -15.21
C LEU A 75 0.45 -16.85 -16.66
N ILE A 76 1.11 -15.87 -17.31
CA ILE A 76 0.65 -15.43 -18.64
C ILE A 76 0.72 -16.61 -19.66
N GLY A 77 -0.33 -16.77 -20.47
CA GLY A 77 -0.34 -17.82 -21.49
C GLY A 77 -0.54 -19.25 -20.99
N ARG A 78 -0.73 -19.44 -19.67
CA ARG A 78 -0.87 -20.81 -19.14
C ARG A 78 -2.35 -21.15 -18.82
N LYS A 79 -2.61 -22.41 -18.46
CA LYS A 79 -3.92 -22.84 -17.97
C LYS A 79 -3.87 -22.93 -16.45
N PHE A 80 -4.99 -22.66 -15.76
CA PHE A 80 -5.14 -22.75 -14.32
C PHE A 80 -4.70 -24.11 -13.80
N GLU A 81 -5.03 -25.18 -14.53
CA GLU A 81 -4.68 -26.56 -14.21
C GLU A 81 -3.18 -26.91 -14.37
N ASP A 82 -2.37 -26.05 -15.00
CA ASP A 82 -0.96 -26.33 -15.24
C ASP A 82 -0.26 -26.50 -13.91
N ALA A 83 0.64 -27.49 -13.85
CA ALA A 83 1.35 -27.84 -12.61
C ALA A 83 2.14 -26.62 -12.05
N THR A 84 2.82 -25.85 -12.91
CA THR A 84 3.58 -24.64 -12.47
C THR A 84 2.62 -23.60 -11.80
N VAL A 85 1.40 -23.39 -12.38
CA VAL A 85 0.36 -22.53 -11.81
C VAL A 85 -0.06 -23.03 -10.41
N GLN A 86 -0.44 -24.34 -10.30
CA GLN A 86 -0.86 -24.91 -9.02
C GLN A 86 0.25 -24.83 -7.95
N SER A 87 1.51 -25.03 -8.35
CA SER A 87 2.66 -24.94 -7.44
C SER A 87 2.90 -23.46 -6.99
N ASP A 88 3.00 -22.53 -7.97
CA ASP A 88 3.30 -21.13 -7.70
C ASP A 88 2.29 -20.46 -6.81
N MET A 89 0.99 -20.83 -6.94
CA MET A 89 -0.14 -20.25 -6.19
C MET A 89 0.04 -20.42 -4.69
N LYS A 90 0.62 -21.56 -4.27
CA LYS A 90 0.89 -21.88 -2.87
C LYS A 90 1.80 -20.81 -2.19
N HIS A 91 2.56 -20.04 -2.99
CA HIS A 91 3.53 -19.08 -2.48
C HIS A 91 3.12 -17.62 -2.68
N TRP A 92 1.96 -17.34 -3.33
CA TRP A 92 1.56 -15.95 -3.52
C TRP A 92 0.58 -15.48 -2.43
N PRO A 93 0.68 -14.22 -1.94
CA PRO A 93 -0.33 -13.72 -0.97
C PRO A 93 -1.65 -13.29 -1.61
N PHE A 94 -1.67 -13.14 -2.93
CA PHE A 94 -2.88 -12.78 -3.64
C PHE A 94 -3.57 -14.07 -4.09
N ARG A 95 -4.87 -13.98 -4.33
CA ARG A 95 -5.69 -15.11 -4.77
C ARG A 95 -5.65 -15.27 -6.30
N VAL A 96 -5.60 -16.52 -6.76
CA VAL A 96 -5.65 -16.89 -8.17
C VAL A 96 -6.84 -17.84 -8.37
N VAL A 97 -7.66 -17.54 -9.37
CA VAL A 97 -8.91 -18.30 -9.62
C VAL A 97 -8.98 -18.69 -11.10
N SER A 98 -10.00 -19.44 -11.46
CA SER A 98 -10.16 -20.00 -12.80
C SER A 98 -11.38 -19.41 -13.52
N GLU A 99 -11.17 -18.93 -14.75
CA GLU A 99 -12.27 -18.52 -15.64
C GLU A 99 -12.03 -19.13 -17.02
N GLY A 100 -12.97 -19.98 -17.44
CA GLY A 100 -12.86 -20.77 -18.66
C GLY A 100 -11.55 -21.52 -18.76
N GLY A 101 -11.14 -22.11 -17.63
CA GLY A 101 -9.84 -22.79 -17.47
C GLY A 101 -8.62 -21.90 -17.52
N LYS A 102 -8.76 -20.58 -17.51
CA LYS A 102 -7.58 -19.70 -17.58
C LYS A 102 -7.36 -19.09 -16.19
N PRO A 103 -6.10 -18.87 -15.73
CA PRO A 103 -5.92 -18.26 -14.39
C PRO A 103 -6.20 -16.77 -14.47
N LYS A 104 -6.73 -16.22 -13.37
CA LYS A 104 -6.95 -14.80 -13.19
C LYS A 104 -6.53 -14.44 -11.78
N VAL A 105 -5.97 -13.25 -11.60
CA VAL A 105 -5.76 -12.82 -10.23
C VAL A 105 -7.08 -12.26 -9.73
N GLN A 106 -7.38 -12.47 -8.45
CA GLN A 106 -8.60 -11.89 -7.84
C GLN A 106 -8.18 -10.93 -6.75
N VAL A 107 -8.71 -9.70 -6.77
CA VAL A 107 -8.33 -8.63 -5.84
C VAL A 107 -9.56 -7.87 -5.38
N GLU A 108 -9.37 -7.08 -4.33
CA GLU A 108 -10.37 -6.07 -3.96
C GLU A 108 -9.93 -4.75 -4.55
N TYR A 109 -10.86 -4.03 -5.17
CA TYR A 109 -10.58 -2.76 -5.81
C TYR A 109 -11.82 -1.89 -5.65
N LYS A 110 -11.67 -0.66 -5.10
CA LYS A 110 -12.83 0.25 -4.84
C LYS A 110 -13.94 -0.45 -4.06
N GLY A 111 -13.54 -1.37 -3.19
CA GLY A 111 -14.43 -2.11 -2.30
C GLY A 111 -15.22 -3.25 -2.93
N GLU A 112 -14.88 -3.65 -4.16
CA GLU A 112 -15.55 -4.77 -4.82
C GLU A 112 -14.54 -5.83 -5.25
N THR A 113 -15.00 -7.05 -5.45
CA THR A 113 -14.12 -8.11 -5.97
C THR A 113 -13.97 -7.97 -7.48
N LYS A 114 -12.72 -7.98 -7.98
CA LYS A 114 -12.42 -7.93 -9.42
C LYS A 114 -11.44 -9.04 -9.78
N THR A 115 -11.54 -9.50 -11.01
CA THR A 115 -10.60 -10.47 -11.58
C THR A 115 -9.94 -9.94 -12.82
N PHE A 116 -8.65 -10.28 -13.01
CA PHE A 116 -7.87 -9.79 -14.15
C PHE A 116 -7.08 -10.95 -14.74
N PHE A 117 -7.12 -11.13 -16.06
CA PHE A 117 -6.23 -12.03 -16.75
C PHE A 117 -4.78 -11.57 -16.59
N PRO A 118 -3.79 -12.52 -16.68
CA PRO A 118 -2.38 -12.12 -16.56
C PRO A 118 -1.98 -11.06 -17.57
N GLU A 119 -2.52 -11.14 -18.80
CA GLU A 119 -2.21 -10.15 -19.85
C GLU A 119 -2.82 -8.79 -19.52
N GLU A 120 -3.91 -8.77 -18.73
CA GLU A 120 -4.41 -7.46 -18.26
C GLU A 120 -3.46 -6.81 -17.28
N ILE A 121 -2.91 -7.59 -16.31
CA ILE A 121 -1.91 -7.05 -15.35
C ILE A 121 -0.65 -6.63 -16.14
N SER A 122 -0.19 -7.52 -17.04
CA SER A 122 0.99 -7.18 -17.84
C SER A 122 0.74 -5.96 -18.73
N SER A 123 -0.48 -5.76 -19.25
CA SER A 123 -0.74 -4.52 -20.01
C SER A 123 -0.61 -3.28 -19.15
N MET A 124 -1.01 -3.35 -17.88
CA MET A 124 -0.90 -2.22 -16.98
C MET A 124 0.57 -1.87 -16.74
N VAL A 125 1.41 -2.90 -16.56
CA VAL A 125 2.87 -2.70 -16.46
C VAL A 125 3.41 -2.09 -17.74
N LEU A 126 2.99 -2.64 -18.91
CA LEU A 126 3.42 -2.08 -20.21
C LEU A 126 2.98 -0.64 -20.41
N THR A 127 1.76 -0.28 -19.96
CA THR A 127 1.32 1.10 -20.00
C THR A 127 2.24 1.98 -19.19
N LYS A 128 2.61 1.55 -17.99
CA LYS A 128 3.57 2.33 -17.21
C LYS A 128 4.93 2.48 -17.98
N MET A 129 5.43 1.40 -18.59
CA MET A 129 6.72 1.49 -19.31
C MET A 129 6.57 2.47 -20.51
N LYS A 130 5.44 2.40 -21.20
CA LYS A 130 5.12 3.30 -22.35
C LYS A 130 5.11 4.76 -21.87
N GLU A 131 4.45 5.03 -20.73
CA GLU A 131 4.36 6.40 -20.18
C GLU A 131 5.73 6.92 -19.75
N ILE A 132 6.57 6.00 -19.25
CA ILE A 132 7.96 6.31 -18.79
C ILE A 132 8.73 6.79 -20.04
N ALA A 133 8.63 6.03 -21.16
CA ALA A 133 9.28 6.43 -22.44
C ALA A 133 8.73 7.76 -22.98
N GLU A 134 7.41 8.00 -22.86
CA GLU A 134 6.77 9.22 -23.35
C GLU A 134 7.16 10.44 -22.53
N ALA A 135 7.30 10.31 -21.17
CA ALA A 135 7.84 11.44 -20.37
C ALA A 135 9.30 11.79 -20.80
N TYR A 136 10.09 10.79 -21.13
CA TYR A 136 11.48 10.98 -21.54
C TYR A 136 11.55 11.58 -22.95
N LEU A 137 10.69 11.09 -23.84
CA LEU A 137 10.80 11.48 -25.25
C LEU A 137 9.99 12.71 -25.63
N GLY A 138 8.83 12.87 -25.01
CA GLY A 138 7.79 13.79 -25.50
C GLY A 138 6.92 13.03 -26.51
N GLY A 139 5.68 13.48 -26.66
CA GLY A 139 4.74 12.91 -27.63
C GLY A 139 4.26 11.51 -27.30
N LYS A 140 4.08 10.65 -28.32
CA LYS A 140 3.52 9.33 -28.10
C LYS A 140 4.45 8.26 -28.64
N VAL A 141 4.44 7.11 -27.98
CA VAL A 141 5.17 5.92 -28.38
C VAL A 141 4.14 5.04 -29.09
N HIS A 142 4.42 4.61 -30.33
CA HIS A 142 3.51 3.80 -31.15
C HIS A 142 3.87 2.29 -31.11
N SER A 143 5.17 1.98 -31.20
CA SER A 143 5.63 0.61 -31.44
C SER A 143 6.72 0.22 -30.43
N ALA A 144 6.86 -1.09 -30.19
CA ALA A 144 7.90 -1.59 -29.31
C ALA A 144 8.25 -3.00 -29.73
N VAL A 145 9.51 -3.38 -29.48
CA VAL A 145 9.90 -4.80 -29.42
C VAL A 145 9.79 -5.22 -27.95
N ILE A 146 9.12 -6.36 -27.67
CA ILE A 146 8.99 -6.83 -26.30
C ILE A 146 9.63 -8.21 -26.23
N THR A 147 10.32 -8.49 -25.12
CA THR A 147 11.05 -9.74 -24.98
C THR A 147 10.31 -10.72 -24.13
N VAL A 148 10.60 -12.02 -24.33
CA VAL A 148 10.05 -13.13 -23.54
C VAL A 148 11.15 -14.17 -23.30
N PRO A 149 11.04 -15.02 -22.28
CA PRO A 149 12.03 -16.10 -22.12
C PRO A 149 12.06 -17.02 -23.33
N ALA A 150 13.24 -17.54 -23.64
CA ALA A 150 13.46 -18.42 -24.80
C ALA A 150 12.55 -19.66 -24.74
N TYR A 151 12.21 -20.12 -23.53
CA TYR A 151 11.40 -21.35 -23.35
C TYR A 151 9.88 -21.02 -23.42
N PHE A 152 9.48 -19.74 -23.66
CA PHE A 152 8.05 -19.42 -23.78
C PHE A 152 7.46 -20.13 -24.99
N ASN A 153 6.26 -20.70 -24.85
CA ASN A 153 5.61 -21.37 -25.98
C ASN A 153 4.73 -20.33 -26.70
N ASP A 154 3.96 -20.74 -27.72
CA ASP A 154 3.25 -19.80 -28.57
C ASP A 154 2.09 -19.16 -27.84
N SER A 155 1.47 -19.91 -26.94
CA SER A 155 0.41 -19.36 -26.07
C SER A 155 0.96 -18.26 -25.15
N GLN A 156 2.18 -18.45 -24.57
CA GLN A 156 2.77 -17.43 -23.74
C GLN A 156 3.21 -16.24 -24.56
N ARG A 157 3.68 -16.47 -25.80
CA ARG A 157 4.17 -15.37 -26.65
C ARG A 157 2.95 -14.54 -27.05
N GLN A 158 1.87 -15.21 -27.46
CA GLN A 158 0.64 -14.56 -27.91
C GLN A 158 0.01 -13.76 -26.79
N ALA A 159 0.03 -14.33 -25.56
CA ALA A 159 -0.66 -13.61 -24.46
C ALA A 159 0.16 -12.38 -24.04
N THR A 160 1.48 -12.44 -24.14
CA THR A 160 2.39 -11.28 -23.99
C THR A 160 2.09 -10.23 -25.08
N LYS A 161 1.99 -10.65 -26.36
CA LYS A 161 1.60 -9.72 -27.41
C LYS A 161 0.24 -9.07 -27.12
N ASP A 162 -0.73 -9.89 -26.66
CA ASP A 162 -2.06 -9.36 -26.24
C ASP A 162 -1.95 -8.26 -25.19
N ALA A 163 -1.05 -8.41 -24.20
CA ALA A 163 -0.80 -7.34 -23.22
C ALA A 163 -0.35 -6.04 -23.94
N GLY A 164 0.54 -6.18 -24.92
CA GLY A 164 0.93 -5.04 -25.77
C GLY A 164 -0.23 -4.42 -26.52
N THR A 165 -1.11 -5.24 -27.11
CA THR A 165 -2.27 -4.78 -27.86
C THR A 165 -3.21 -4.01 -26.97
N ILE A 166 -3.54 -4.57 -25.79
CA ILE A 166 -4.44 -3.89 -24.83
C ILE A 166 -3.87 -2.49 -24.47
N THR A 167 -2.56 -2.41 -24.26
CA THR A 167 -1.83 -1.19 -23.91
C THR A 167 -1.94 -0.17 -25.08
N GLY A 168 -2.16 -0.68 -26.30
CA GLY A 168 -2.19 0.13 -27.50
C GLY A 168 -0.80 0.32 -28.07
N LEU A 169 0.08 -0.70 -27.97
CA LEU A 169 1.36 -0.73 -28.67
C LEU A 169 1.27 -1.59 -29.90
N ASN A 170 1.90 -1.14 -30.99
CA ASN A 170 2.13 -1.96 -32.15
C ASN A 170 3.35 -2.86 -31.79
N VAL A 171 3.15 -4.16 -31.60
CA VAL A 171 4.27 -5.03 -31.21
C VAL A 171 5.00 -5.43 -32.48
N LEU A 172 6.20 -4.88 -32.67
CA LEU A 172 6.97 -5.05 -33.88
C LEU A 172 7.44 -6.49 -33.96
N ARG A 173 7.91 -7.03 -32.84
CA ARG A 173 8.29 -8.45 -32.74
C ARG A 173 8.36 -8.86 -31.29
N ILE A 174 8.10 -10.13 -31.01
CA ILE A 174 8.40 -10.73 -29.72
C ILE A 174 9.72 -11.46 -29.91
N ILE A 175 10.74 -11.08 -29.14
CA ILE A 175 12.02 -11.75 -29.31
C ILE A 175 12.47 -12.36 -28.02
N ASN A 176 13.28 -13.43 -28.11
CA ASN A 176 13.82 -14.06 -26.89
C ASN A 176 14.76 -13.12 -26.12
N GLU A 177 14.63 -13.11 -24.80
CA GLU A 177 15.48 -12.31 -23.89
C GLU A 177 16.97 -12.59 -24.11
N PRO A 178 17.46 -13.88 -24.17
CA PRO A 178 18.90 -14.09 -24.46
C PRO A 178 19.33 -13.57 -25.82
N THR A 179 18.46 -13.67 -26.83
CA THR A 179 18.73 -13.10 -28.15
C THR A 179 18.89 -11.58 -28.06
N ALA A 180 17.97 -10.90 -27.36
CA ALA A 180 18.07 -9.47 -27.11
C ALA A 180 19.41 -9.13 -26.40
N ALA A 181 19.83 -9.90 -25.37
CA ALA A 181 21.11 -9.65 -24.70
C ALA A 181 22.27 -9.80 -25.67
N ALA A 182 22.22 -10.80 -26.58
CA ALA A 182 23.30 -11.01 -27.56
C ALA A 182 23.33 -9.85 -28.57
N ILE A 183 22.15 -9.38 -28.99
CA ILE A 183 22.04 -8.22 -29.89
C ILE A 183 22.61 -6.97 -29.23
N ALA A 184 22.35 -6.75 -27.90
CA ALA A 184 22.93 -5.62 -27.16
C ALA A 184 24.45 -5.57 -27.28
N TYR A 185 25.10 -6.74 -27.21
CA TYR A 185 26.57 -6.81 -27.35
C TYR A 185 27.04 -6.87 -28.80
N GLY A 186 26.12 -6.72 -29.78
CA GLY A 186 26.51 -6.75 -31.19
C GLY A 186 27.08 -8.08 -31.65
N LEU A 187 26.71 -9.18 -30.95
CA LEU A 187 27.32 -10.51 -31.19
C LEU A 187 26.92 -11.09 -32.53
N ASP A 188 25.80 -10.61 -33.09
CA ASP A 188 25.34 -10.98 -34.42
C ASP A 188 26.15 -10.27 -35.54
N LYS A 189 26.88 -9.18 -35.20
CA LYS A 189 27.73 -8.42 -36.14
C LYS A 189 29.25 -8.61 -35.83
N LYS A 190 29.60 -9.16 -34.65
CA LYS A 190 30.98 -9.40 -34.25
C LYS A 190 31.61 -10.57 -35.02
N GLY A 191 32.83 -10.36 -35.51
CA GLY A 191 33.60 -11.41 -36.17
C GLY A 191 32.97 -11.82 -37.47
N CYS A 192 33.04 -10.96 -38.50
N GLY A 194 31.86 -14.62 -41.21
CA GLY A 194 32.72 -14.86 -40.06
C GLY A 194 32.55 -16.17 -39.32
N GLY A 195 31.47 -16.91 -39.62
CA GLY A 195 31.20 -18.22 -39.01
C GLY A 195 30.05 -18.26 -38.01
N GLU A 196 29.86 -19.43 -37.37
CA GLU A 196 28.86 -19.63 -36.34
C GLU A 196 29.49 -19.39 -34.96
N LYS A 197 28.76 -18.70 -34.07
CA LYS A 197 29.18 -18.45 -32.72
C LYS A 197 28.23 -19.14 -31.77
N ASN A 198 28.78 -19.94 -30.83
CA ASN A 198 28.05 -20.45 -29.67
C ASN A 198 28.15 -19.44 -28.54
N VAL A 199 26.98 -19.00 -28.04
CA VAL A 199 26.86 -17.93 -27.04
C VAL A 199 26.09 -18.50 -25.89
N LEU A 200 26.67 -18.38 -24.70
CA LEU A 200 25.95 -18.72 -23.49
C LEU A 200 25.53 -17.44 -22.79
N ILE A 201 24.22 -17.31 -22.53
CA ILE A 201 23.64 -16.23 -21.76
C ILE A 201 23.38 -16.73 -20.32
N PHE A 202 23.94 -16.02 -19.38
CA PHE A 202 23.78 -16.40 -17.97
C PHE A 202 23.00 -15.28 -17.32
N ASP A 203 21.73 -15.57 -17.02
CA ASP A 203 20.78 -14.55 -16.60
C ASP A 203 20.24 -14.89 -15.24
N LEU A 204 20.72 -14.18 -14.25
CA LEU A 204 20.36 -14.45 -12.87
C LEU A 204 19.72 -13.17 -12.32
N GLY A 205 18.41 -13.24 -12.16
CA GLY A 205 17.54 -12.13 -11.77
C GLY A 205 17.28 -12.15 -10.28
N GLY A 206 16.27 -11.40 -9.86
CA GLY A 206 15.88 -11.40 -8.45
C GLY A 206 15.13 -12.66 -8.03
N GLY A 207 14.51 -13.37 -8.98
CA GLY A 207 13.72 -14.57 -8.64
C GLY A 207 13.76 -15.70 -9.66
N THR A 208 14.53 -15.54 -10.74
CA THR A 208 14.66 -16.57 -11.77
C THR A 208 16.11 -16.65 -12.20
N PHE A 209 16.48 -17.86 -12.62
CA PHE A 209 17.80 -18.08 -13.22
C PHE A 209 17.65 -18.83 -14.55
N ASP A 210 18.05 -18.18 -15.67
CA ASP A 210 17.96 -18.79 -17.00
C ASP A 210 19.32 -18.90 -17.65
N VAL A 211 19.69 -20.11 -18.05
CA VAL A 211 20.87 -20.29 -18.90
C VAL A 211 20.40 -20.66 -20.30
N SER A 212 20.89 -19.93 -21.32
CA SER A 212 20.57 -20.22 -22.70
C SER A 212 21.83 -20.37 -23.51
N ILE A 213 21.83 -21.36 -24.39
CA ILE A 213 22.88 -21.49 -25.40
C ILE A 213 22.30 -21.19 -26.76
N LEU A 214 22.87 -20.22 -27.48
CA LEU A 214 22.37 -19.85 -28.83
C LEU A 214 23.51 -20.05 -29.79
N THR A 215 23.18 -20.30 -31.05
CA THR A 215 24.19 -20.13 -32.10
C THR A 215 23.77 -18.91 -32.91
N ILE A 216 24.76 -18.17 -33.38
CA ILE A 216 24.53 -17.00 -34.21
C ILE A 216 25.39 -17.22 -35.44
N GLU A 217 24.79 -17.06 -36.63
CA GLU A 217 25.47 -17.25 -37.88
C GLU A 217 24.79 -16.48 -38.95
N ASP A 218 25.58 -15.60 -39.62
CA ASP A 218 25.08 -14.69 -40.66
C ASP A 218 23.84 -13.89 -40.20
N GLY A 219 23.83 -13.51 -38.93
CA GLY A 219 22.73 -12.75 -38.32
C GLY A 219 21.53 -13.56 -37.88
N ILE A 220 21.59 -14.90 -38.02
CA ILE A 220 20.47 -15.80 -37.71
C ILE A 220 20.70 -16.44 -36.36
N PHE A 221 19.75 -16.30 -35.45
CA PHE A 221 19.85 -16.88 -34.09
C PHE A 221 19.08 -18.19 -34.00
N GLU A 222 19.66 -19.21 -33.33
CA GLU A 222 18.94 -20.44 -33.00
C GLU A 222 19.20 -20.78 -31.54
N VAL A 223 18.15 -21.11 -30.80
CA VAL A 223 18.24 -21.57 -29.42
C VAL A 223 18.63 -23.01 -29.43
N LYS A 224 19.83 -23.31 -28.89
CA LYS A 224 20.31 -24.69 -28.81
C LYS A 224 19.86 -25.42 -27.55
N SER A 225 19.86 -24.73 -26.41
CA SER A 225 19.44 -25.39 -25.17
C SER A 225 19.06 -24.33 -24.18
N THR A 226 18.22 -24.71 -23.20
CA THR A 226 17.89 -23.83 -22.11
C THR A 226 17.96 -24.63 -20.85
N ALA A 227 18.30 -24.01 -19.75
CA ALA A 227 18.37 -24.69 -18.45
C ALA A 227 18.25 -23.60 -17.39
N GLY A 228 18.22 -24.01 -16.13
CA GLY A 228 18.16 -23.05 -15.05
C GLY A 228 17.30 -23.48 -13.90
N ASP A 229 16.79 -22.50 -13.17
CA ASP A 229 15.97 -22.72 -11.98
C ASP A 229 14.96 -21.57 -11.93
N THR A 230 13.69 -21.89 -12.11
CA THR A 230 12.66 -20.82 -12.16
C THR A 230 12.37 -20.17 -10.78
N HIS A 231 12.96 -20.68 -9.68
CA HIS A 231 12.73 -20.08 -8.37
C HIS A 231 14.05 -19.84 -7.62
N LEU A 232 15.05 -19.36 -8.33
CA LEU A 232 16.32 -19.02 -7.73
C LEU A 232 16.67 -17.66 -8.21
N GLY A 233 16.97 -16.77 -7.27
CA GLY A 233 17.44 -15.44 -7.66
C GLY A 233 18.04 -14.68 -6.52
N GLY A 234 18.21 -13.38 -6.75
CA GLY A 234 18.76 -12.45 -5.77
C GLY A 234 18.02 -12.44 -4.44
N GLU A 235 16.72 -12.70 -4.42
CA GLU A 235 15.96 -12.77 -3.15
C GLU A 235 16.41 -13.93 -2.26
N ASP A 236 16.92 -15.02 -2.86
CA ASP A 236 17.44 -16.16 -2.08
C ASP A 236 18.71 -15.77 -1.29
N PHE A 237 19.59 -14.95 -1.89
CA PHE A 237 20.81 -14.41 -1.27
C PHE A 237 20.44 -13.48 -0.13
N ASP A 238 19.41 -12.63 -0.35
CA ASP A 238 18.85 -11.79 0.69
C ASP A 238 18.32 -12.60 1.87
N ASN A 239 17.55 -13.70 1.62
CA ASN A 239 17.05 -14.63 2.67
C ASN A 239 18.21 -15.08 3.57
N ARG A 240 19.34 -15.48 2.95
CA ARG A 240 20.50 -15.98 3.70
C ARG A 240 21.07 -14.88 4.61
N MET A 241 21.19 -13.63 4.09
CA MET A 241 21.72 -12.54 4.93
C MET A 241 20.75 -12.21 6.09
N VAL A 242 19.42 -12.24 5.83
CA VAL A 242 18.39 -11.93 6.83
C VAL A 242 18.50 -12.91 7.99
N SER A 243 18.55 -14.23 7.69
CA SER A 243 18.73 -15.25 8.73
C SER A 243 19.97 -15.01 9.61
N HIS A 244 21.12 -14.69 8.97
CA HIS A 244 22.39 -14.48 9.64
C HIS A 244 22.26 -13.29 10.62
N LEU A 245 21.70 -12.20 10.12
CA LEU A 245 21.69 -10.95 10.86
C LEU A 245 20.61 -10.91 11.93
N ALA A 246 19.50 -11.68 11.75
CA ALA A 246 18.46 -11.87 12.77
C ALA A 246 19.06 -12.69 13.95
N GLU A 247 19.82 -13.72 13.63
CA GLU A 247 20.65 -14.46 14.58
C GLU A 247 21.63 -13.57 15.35
N GLU A 248 22.35 -12.69 14.64
CA GLU A 248 23.29 -11.75 15.25
C GLU A 248 22.55 -10.84 16.24
N PHE A 249 21.40 -10.25 15.82
CA PHE A 249 20.57 -9.37 16.67
C PHE A 249 20.10 -10.14 17.88
N LYS A 250 19.75 -11.44 17.70
CA LYS A 250 19.37 -12.29 18.84
C LYS A 250 20.56 -12.46 19.83
N ARG A 251 21.78 -12.76 19.31
CA ARG A 251 22.99 -12.92 20.12
C ARG A 251 23.30 -11.67 20.97
N LYS A 252 23.35 -10.46 20.34
CA LYS A 252 23.76 -9.21 21.01
C LYS A 252 22.68 -8.60 21.89
N HIS A 253 21.40 -8.74 21.49
CA HIS A 253 20.32 -8.02 22.14
C HIS A 253 19.27 -8.93 22.78
N LYS A 254 19.47 -10.26 22.70
CA LYS A 254 18.64 -11.30 23.34
C LYS A 254 17.15 -11.18 22.96
N LYS A 255 16.90 -10.64 21.75
CA LYS A 255 15.55 -10.48 21.19
C LYS A 255 15.43 -11.25 19.88
N ASP A 256 14.39 -12.09 19.79
CA ASP A 256 14.08 -12.87 18.61
C ASP A 256 13.03 -12.08 17.77
N ILE A 257 13.47 -11.54 16.63
CA ILE A 257 12.61 -10.77 15.72
C ILE A 257 11.76 -11.68 14.81
N GLY A 258 12.07 -12.97 14.81
CA GLY A 258 11.46 -13.98 13.93
C GLY A 258 9.93 -13.98 13.86
N PRO A 259 9.20 -13.96 14.99
CA PRO A 259 7.73 -13.91 14.89
C PRO A 259 7.18 -12.54 14.48
N ASN A 260 8.04 -11.51 14.33
CA ASN A 260 7.53 -10.16 14.09
C ASN A 260 7.72 -9.80 12.62
N LYS A 261 6.62 -9.84 11.82
CA LYS A 261 6.60 -9.50 10.38
C LYS A 261 7.31 -8.19 10.04
N ARG A 262 7.03 -7.10 10.78
CA ARG A 262 7.63 -5.80 10.42
C ARG A 262 9.14 -5.81 10.64
N ALA A 263 9.60 -6.34 11.78
CA ALA A 263 11.04 -6.42 12.02
C ALA A 263 11.79 -7.21 10.94
N VAL A 264 11.25 -8.37 10.51
CA VAL A 264 11.91 -9.20 9.45
C VAL A 264 11.93 -8.45 8.10
N ARG A 265 10.82 -7.80 7.77
CA ARG A 265 10.68 -7.02 6.54
C ARG A 265 11.74 -5.89 6.48
N ARG A 266 11.90 -5.15 7.58
CA ARG A 266 12.87 -4.05 7.65
C ARG A 266 14.29 -4.59 7.60
N LEU A 267 14.55 -5.67 8.32
CA LEU A 267 15.82 -6.37 8.15
C LEU A 267 16.07 -6.77 6.67
N ARG A 268 15.07 -7.37 5.95
CA ARG A 268 15.25 -7.72 4.52
C ARG A 268 15.57 -6.47 3.66
N THR A 269 14.89 -5.34 3.92
CA THR A 269 15.08 -4.09 3.20
C THR A 269 16.54 -3.68 3.36
N ALA A 270 17.08 -3.69 4.60
CA ALA A 270 18.49 -3.35 4.85
C ALA A 270 19.42 -4.34 4.11
N CYS A 271 19.08 -5.62 4.18
CA CYS A 271 19.88 -6.68 3.55
C CYS A 271 19.97 -6.58 2.05
N GLU A 272 18.85 -6.21 1.41
CA GLU A 272 18.81 -6.03 -0.05
C GLU A 272 19.81 -4.92 -0.45
N ARG A 273 19.77 -3.81 0.30
CA ARG A 273 20.62 -2.63 0.05
C ARG A 273 22.12 -2.99 0.29
N ALA A 274 22.45 -3.60 1.45
CA ALA A 274 23.80 -4.15 1.77
C ALA A 274 24.38 -5.06 0.67
N LYS A 275 23.58 -6.02 0.17
CA LYS A 275 24.00 -6.92 -0.91
C LYS A 275 24.44 -6.10 -2.14
N ARG A 276 23.66 -5.06 -2.51
CA ARG A 276 24.04 -4.23 -3.68
C ARG A 276 25.40 -3.56 -3.50
N THR A 277 25.64 -2.99 -2.31
CA THR A 277 26.90 -2.31 -1.95
C THR A 277 28.08 -3.29 -2.02
N LEU A 278 27.85 -4.54 -1.58
CA LEU A 278 28.86 -5.61 -1.57
C LEU A 278 29.29 -6.08 -2.96
N SER A 279 28.53 -5.70 -4.02
CA SER A 279 29.03 -5.98 -5.37
C SER A 279 30.14 -4.98 -5.77
N SER A 280 30.23 -3.83 -5.07
CA SER A 280 31.28 -2.84 -5.40
C SER A 280 32.20 -2.45 -4.24
N SER A 281 31.88 -2.85 -2.99
CA SER A 281 32.72 -2.64 -1.80
C SER A 281 32.84 -3.97 -1.07
N THR A 282 33.81 -4.11 -0.16
CA THR A 282 34.07 -5.37 0.54
C THR A 282 33.35 -5.44 1.89
N GLN A 283 32.61 -4.38 2.28
CA GLN A 283 31.71 -4.35 3.43
C GLN A 283 30.61 -3.30 3.25
N ALA A 284 29.52 -3.45 4.01
CA ALA A 284 28.31 -2.64 3.92
C ALA A 284 27.83 -2.41 5.33
N SER A 285 27.28 -1.23 5.60
CA SER A 285 26.77 -0.95 6.92
C SER A 285 25.24 -1.02 6.96
N ILE A 286 24.70 -1.75 7.93
CA ILE A 286 23.27 -1.84 8.23
C ILE A 286 22.98 -0.82 9.37
N GLU A 287 21.97 0.03 9.15
CA GLU A 287 21.65 1.13 10.05
C GLU A 287 20.14 1.17 10.34
N ILE A 288 19.63 0.24 11.16
CA ILE A 288 18.21 0.21 11.45
C ILE A 288 17.86 0.87 12.81
N ASP A 289 17.12 2.00 12.77
CA ASP A 289 16.54 2.64 13.97
C ASP A 289 15.38 1.85 14.54
N SER A 290 15.38 1.61 15.88
CA SER A 290 14.36 0.86 16.62
C SER A 290 13.86 -0.36 15.86
N LEU A 291 14.75 -1.35 15.64
CA LEU A 291 14.35 -2.58 14.95
C LEU A 291 13.31 -3.37 15.78
N TYR A 292 13.47 -3.38 17.12
CA TYR A 292 12.65 -4.22 17.97
C TYR A 292 12.74 -3.72 19.41
N GLU A 293 11.57 -3.41 20.00
CA GLU A 293 11.45 -2.90 21.37
C GLU A 293 12.40 -1.71 21.66
N GLY A 294 12.42 -0.75 20.74
CA GLY A 294 13.28 0.44 20.82
C GLY A 294 14.77 0.22 20.64
N VAL A 295 15.20 -1.03 20.43
CA VAL A 295 16.61 -1.38 20.27
C VAL A 295 17.02 -1.23 18.78
N ASP A 296 18.02 -0.36 18.52
CA ASP A 296 18.58 -0.11 17.18
C ASP A 296 19.44 -1.27 16.73
N PHE A 297 19.48 -1.52 15.43
CA PHE A 297 20.41 -2.47 14.86
C PHE A 297 21.36 -1.79 13.88
N TYR A 298 22.51 -1.36 14.39
CA TYR A 298 23.57 -0.77 13.61
C TYR A 298 24.70 -1.76 13.59
N THR A 299 25.08 -2.21 12.40
CA THR A 299 26.10 -3.26 12.26
C THR A 299 26.70 -3.21 10.86
N SER A 300 27.62 -4.15 10.57
CA SER A 300 28.25 -4.27 9.26
C SER A 300 28.42 -5.73 8.86
N ILE A 301 28.46 -5.97 7.55
CA ILE A 301 28.66 -7.29 6.97
C ILE A 301 29.77 -7.16 5.92
N THR A 302 30.62 -8.15 5.84
CA THR A 302 31.69 -8.13 4.83
C THR A 302 31.22 -8.92 3.62
N ARG A 303 31.89 -8.73 2.47
CA ARG A 303 31.63 -9.50 1.24
C ARG A 303 31.96 -10.98 1.50
N ALA A 304 33.09 -11.27 2.18
CA ALA A 304 33.52 -12.64 2.50
C ALA A 304 32.42 -13.44 3.26
N ARG A 305 31.83 -12.82 4.28
CA ARG A 305 30.71 -13.37 5.04
C ARG A 305 29.51 -13.64 4.10
N PHE A 306 29.16 -12.66 3.27
CA PHE A 306 28.05 -12.80 2.30
C PHE A 306 28.26 -13.98 1.35
N GLU A 307 29.48 -14.14 0.80
CA GLU A 307 29.82 -15.27 -0.04
C GLU A 307 29.75 -16.60 0.71
N GLU A 308 30.21 -16.63 1.98
CA GLU A 308 30.07 -17.81 2.84
C GLU A 308 28.61 -18.24 3.02
N LEU A 309 27.71 -17.29 3.33
CA LEU A 309 26.27 -17.54 3.59
C LEU A 309 25.56 -18.12 2.36
N ASN A 310 26.12 -17.85 1.19
CA ASN A 310 25.57 -18.24 -0.09
C ASN A 310 26.44 -19.23 -0.89
N ALA A 311 27.35 -20.01 -0.24
CA ALA A 311 28.33 -20.81 -1.01
C ALA A 311 27.66 -21.82 -1.95
N ASP A 312 26.62 -22.51 -1.48
CA ASP A 312 25.87 -23.51 -2.25
C ASP A 312 25.10 -22.87 -3.39
N LEU A 313 24.37 -21.76 -3.11
CA LEU A 313 23.58 -21.08 -4.11
C LEU A 313 24.45 -20.53 -5.23
N PHE A 314 25.60 -19.91 -4.90
CA PHE A 314 26.50 -19.35 -5.93
C PHE A 314 27.15 -20.46 -6.74
N ARG A 315 27.73 -21.46 -6.05
CA ARG A 315 28.40 -22.54 -6.79
C ARG A 315 27.39 -23.36 -7.60
N GLY A 316 26.19 -23.53 -7.04
CA GLY A 316 25.10 -24.27 -7.69
C GLY A 316 24.66 -23.71 -9.03
N THR A 317 24.94 -22.41 -9.34
CA THR A 317 24.62 -21.82 -10.65
C THR A 317 25.36 -22.50 -11.81
N LEU A 318 26.45 -23.23 -11.52
CA LEU A 318 27.20 -23.89 -12.59
C LEU A 318 26.52 -25.19 -13.05
N GLU A 319 25.61 -25.76 -12.23
CA GLU A 319 24.98 -27.01 -12.64
C GLU A 319 24.04 -26.78 -13.88
N PRO A 320 23.15 -25.78 -13.90
CA PRO A 320 22.44 -25.44 -15.16
C PRO A 320 23.34 -25.09 -16.35
N VAL A 321 24.50 -24.48 -16.11
CA VAL A 321 25.49 -24.26 -17.16
C VAL A 321 25.96 -25.63 -17.75
N GLU A 322 26.31 -26.58 -16.87
CA GLU A 322 26.73 -27.90 -17.33
C GLU A 322 25.59 -28.62 -18.09
N LYS A 323 24.34 -28.47 -17.63
CA LYS A 323 23.20 -29.16 -18.26
C LYS A 323 22.88 -28.58 -19.65
N ALA A 324 22.92 -27.21 -19.78
CA ALA A 324 22.71 -26.53 -21.06
C ALA A 324 23.80 -26.99 -22.07
N LEU A 325 25.06 -27.06 -21.63
CA LEU A 325 26.16 -27.61 -22.48
C LEU A 325 25.90 -29.05 -22.93
N ARG A 326 25.55 -29.92 -21.98
CA ARG A 326 25.19 -31.33 -22.23
C ARG A 326 24.03 -31.42 -23.27
N ASP A 327 22.92 -30.67 -23.04
CA ASP A 327 21.78 -30.64 -23.96
C ASP A 327 22.12 -30.10 -25.35
N ALA A 328 22.97 -29.08 -25.42
CA ALA A 328 23.46 -28.51 -26.69
C ALA A 328 24.51 -29.40 -27.35
N LYS A 329 25.03 -30.43 -26.63
CA LYS A 329 26.09 -31.37 -27.06
C LYS A 329 27.36 -30.54 -27.38
N LEU A 330 27.67 -29.61 -26.47
CA LEU A 330 28.87 -28.77 -26.57
C LEU A 330 29.80 -29.00 -25.43
N ASP A 331 31.08 -28.96 -25.71
CA ASP A 331 32.09 -28.80 -24.67
C ASP A 331 32.13 -27.32 -24.24
N LYS A 332 32.41 -27.02 -22.94
CA LYS A 332 32.55 -25.61 -22.48
C LYS A 332 33.61 -24.77 -23.29
N GLY A 333 34.62 -25.44 -23.83
CA GLY A 333 35.62 -24.84 -24.73
C GLY A 333 35.07 -24.36 -26.05
N GLN A 334 33.86 -24.83 -26.44
CA GLN A 334 33.18 -24.42 -27.67
C GLN A 334 32.31 -23.16 -27.54
N ILE A 335 32.18 -22.62 -26.32
CA ILE A 335 31.44 -21.34 -26.14
C ILE A 335 32.37 -20.20 -26.53
N GLN A 336 31.96 -19.40 -27.53
CA GLN A 336 32.76 -18.27 -27.99
C GLN A 336 32.47 -17.00 -27.20
N GLU A 337 31.25 -16.86 -26.65
CA GLU A 337 30.82 -15.63 -25.93
C GLU A 337 29.98 -15.99 -24.76
N ILE A 338 30.24 -15.31 -23.64
CA ILE A 338 29.46 -15.48 -22.42
C ILE A 338 28.89 -14.11 -22.10
N VAL A 339 27.56 -14.04 -21.89
CA VAL A 339 26.87 -12.76 -21.64
C VAL A 339 26.23 -12.79 -20.26
N LEU A 340 26.49 -11.79 -19.44
CA LEU A 340 25.87 -11.66 -18.13
C LEU A 340 24.60 -10.82 -18.17
N VAL A 341 23.51 -11.38 -17.62
CA VAL A 341 22.21 -10.70 -17.60
C VAL A 341 21.65 -10.84 -16.19
N GLY A 342 20.86 -9.88 -15.74
CA GLY A 342 20.28 -9.88 -14.42
C GLY A 342 21.17 -9.22 -13.38
N GLY A 343 20.55 -8.50 -12.45
CA GLY A 343 21.25 -7.71 -11.43
C GLY A 343 22.17 -8.54 -10.56
N SER A 344 21.79 -9.80 -10.31
CA SER A 344 22.64 -10.69 -9.48
C SER A 344 23.98 -11.07 -10.13
N THR A 345 24.17 -10.82 -11.42
CA THR A 345 25.46 -11.17 -12.05
C THR A 345 26.53 -10.12 -11.77
N ARG A 346 26.16 -9.02 -11.08
CA ARG A 346 27.13 -8.04 -10.59
C ARG A 346 27.93 -8.60 -9.42
N ILE A 347 27.45 -9.70 -8.78
CA ILE A 347 28.09 -10.27 -7.60
C ILE A 347 29.47 -10.82 -8.05
N PRO A 348 30.59 -10.27 -7.52
CA PRO A 348 31.93 -10.71 -7.99
C PRO A 348 32.16 -12.21 -7.90
N LYS A 349 31.69 -12.86 -6.81
CA LYS A 349 31.90 -14.29 -6.62
C LYS A 349 31.22 -15.08 -7.77
N ILE A 350 30.00 -14.69 -8.19
CA ILE A 350 29.35 -15.34 -9.34
C ILE A 350 30.18 -15.20 -10.61
N GLN A 351 30.63 -13.96 -10.92
CA GLN A 351 31.54 -13.70 -12.04
C GLN A 351 32.80 -14.59 -11.97
N LYS A 352 33.45 -14.65 -10.79
CA LYS A 352 34.67 -15.46 -10.58
C LYS A 352 34.39 -16.97 -10.87
N LEU A 353 33.32 -17.53 -10.28
CA LEU A 353 32.93 -18.94 -10.45
C LEU A 353 32.69 -19.27 -11.94
N LEU A 354 31.97 -18.40 -12.62
CA LEU A 354 31.66 -18.54 -14.04
C LEU A 354 32.90 -18.46 -14.89
N GLN A 355 33.69 -17.40 -14.68
CA GLN A 355 34.96 -17.20 -15.40
C GLN A 355 35.95 -18.38 -15.19
N ASP A 356 36.17 -18.83 -13.94
CA ASP A 356 36.97 -20.06 -13.64
C ASP A 356 36.43 -21.33 -14.33
N PHE A 357 35.09 -21.54 -14.30
CA PHE A 357 34.45 -22.66 -15.01
C PHE A 357 34.83 -22.62 -16.50
N PHE A 358 34.81 -21.43 -17.12
CA PHE A 358 35.19 -21.28 -18.53
C PHE A 358 36.68 -21.00 -18.75
N ASN A 359 37.55 -21.51 -17.83
CA ASN A 359 39.01 -21.53 -17.95
C ASN A 359 39.61 -20.14 -18.12
N GLY A 360 39.01 -19.14 -17.45
CA GLY A 360 39.51 -17.77 -17.42
C GLY A 360 38.98 -16.88 -18.54
N LYS A 361 38.01 -17.38 -19.33
CA LYS A 361 37.46 -16.59 -20.44
C LYS A 361 36.83 -15.30 -19.92
N GLU A 362 37.10 -14.17 -20.59
CA GLU A 362 36.48 -12.88 -20.26
C GLU A 362 34.97 -12.88 -20.52
N LEU A 363 34.21 -12.19 -19.66
CA LEU A 363 32.73 -12.15 -19.72
C LEU A 363 32.27 -10.87 -20.39
N ASN A 364 31.18 -10.94 -21.19
CA ASN A 364 30.49 -9.74 -21.69
C ASN A 364 29.67 -9.19 -20.52
N LYS A 365 30.11 -8.04 -19.95
CA LYS A 365 29.53 -7.48 -18.71
C LYS A 365 29.55 -5.93 -18.65
N SER A 366 29.99 -5.26 -19.73
CA SER A 366 30.07 -3.79 -19.73
C SER A 366 28.69 -3.12 -19.83
N ILE A 367 27.63 -3.87 -20.23
CA ILE A 367 26.27 -3.28 -20.21
C ILE A 367 25.68 -3.63 -18.86
N ASN A 368 25.10 -2.66 -18.15
CA ASN A 368 24.37 -2.90 -16.90
C ASN A 368 23.51 -4.17 -17.12
N PRO A 369 23.74 -5.26 -16.36
CA PRO A 369 23.10 -6.54 -16.72
C PRO A 369 21.58 -6.57 -16.56
N ASP A 370 21.03 -5.75 -15.65
CA ASP A 370 19.57 -5.55 -15.55
C ASP A 370 18.98 -4.69 -16.71
N GLU A 371 19.83 -4.16 -17.61
CA GLU A 371 19.35 -3.32 -18.74
C GLU A 371 19.64 -3.92 -20.14
N ALA A 372 20.46 -4.99 -20.20
CA ALA A 372 20.96 -5.56 -21.48
C ALA A 372 19.85 -6.06 -22.41
N VAL A 373 18.82 -6.67 -21.82
CA VAL A 373 17.68 -7.19 -22.59
C VAL A 373 16.90 -6.01 -23.20
N ALA A 374 16.51 -4.98 -22.41
CA ALA A 374 15.80 -3.84 -22.97
C ALA A 374 16.69 -3.14 -24.02
N TYR A 375 17.99 -3.09 -23.75
CA TYR A 375 18.99 -2.46 -24.65
C TYR A 375 18.96 -3.15 -26.03
N GLY A 376 19.06 -4.48 -26.05
CA GLY A 376 18.96 -5.27 -27.28
C GLY A 376 17.60 -5.20 -27.96
N ALA A 377 16.51 -5.12 -27.17
CA ALA A 377 15.16 -4.95 -27.72
C ALA A 377 15.04 -3.60 -28.44
N ALA A 378 15.66 -2.54 -27.89
CA ALA A 378 15.69 -1.20 -28.49
C ALA A 378 16.46 -1.16 -29.84
N VAL A 379 17.64 -1.82 -29.89
CA VAL A 379 18.41 -1.95 -31.16
C VAL A 379 17.53 -2.65 -32.20
N GLN A 380 16.91 -3.79 -31.78
CA GLN A 380 16.05 -4.57 -32.70
C GLN A 380 14.89 -3.70 -33.24
N ALA A 381 14.23 -2.93 -32.34
CA ALA A 381 13.12 -2.05 -32.74
C ALA A 381 13.58 -1.07 -33.80
N ALA A 382 14.79 -0.48 -33.63
CA ALA A 382 15.39 0.46 -34.59
C ALA A 382 15.55 -0.21 -35.94
N ILE A 383 16.05 -1.47 -35.93
CA ILE A 383 16.25 -2.24 -37.16
C ILE A 383 14.91 -2.39 -37.86
N LEU A 384 13.88 -2.81 -37.11
CA LEU A 384 12.58 -3.14 -37.68
C LEU A 384 11.84 -1.94 -38.23
N ILE A 385 12.00 -0.75 -37.61
CA ILE A 385 11.32 0.45 -38.12
C ILE A 385 12.17 1.10 -39.24
N GLY A 386 13.47 0.80 -39.26
CA GLY A 386 14.38 1.09 -40.38
C GLY A 386 14.59 2.58 -40.68
N ASP A 387 14.42 3.41 -39.76
N GLY B 6 7.92 3.84 28.82
CA GLY B 6 8.07 3.49 27.41
C GLY B 6 7.39 2.18 27.03
N PRO B 7 6.97 2.00 25.76
CA PRO B 7 6.86 3.01 24.69
C PRO B 7 5.82 4.11 24.91
N ALA B 8 6.01 5.22 24.22
CA ALA B 8 5.16 6.40 24.31
C ALA B 8 4.03 6.39 23.28
N ILE B 9 2.83 5.87 23.67
CA ILE B 9 1.66 5.60 22.77
C ILE B 9 0.44 6.56 22.93
N GLY B 10 -0.09 7.05 21.80
CA GLY B 10 -1.27 7.90 21.78
C GLY B 10 -2.41 7.24 21.03
N ILE B 11 -3.61 7.26 21.61
CA ILE B 11 -4.74 6.60 20.94
C ILE B 11 -5.90 7.55 20.76
N ASP B 12 -6.32 7.78 19.50
CA ASP B 12 -7.55 8.48 19.20
C ASP B 12 -8.62 7.39 19.18
N LEU B 13 -9.50 7.35 20.18
CA LEU B 13 -10.55 6.32 20.23
C LEU B 13 -11.76 6.99 19.59
N GLY B 14 -11.96 6.79 18.29
CA GLY B 14 -12.97 7.55 17.57
C GLY B 14 -14.32 6.87 17.54
N THR B 15 -15.37 7.64 17.26
CA THR B 15 -16.72 7.10 17.19
C THR B 15 -16.81 5.98 16.13
N THR B 16 -16.21 6.17 14.94
CA THR B 16 -16.29 5.14 13.91
C THR B 16 -14.94 4.57 13.53
N TYR B 17 -13.87 5.36 13.69
CA TYR B 17 -12.49 4.94 13.39
C TYR B 17 -11.56 5.39 14.52
N SER B 18 -10.60 4.52 14.87
CA SER B 18 -9.55 4.83 15.84
C SER B 18 -8.18 4.88 15.15
N CYS B 19 -7.20 5.46 15.82
CA CYS B 19 -5.86 5.73 15.27
C CYS B 19 -4.86 5.64 16.43
N VAL B 20 -3.70 5.00 16.19
CA VAL B 20 -2.64 4.87 17.20
C VAL B 20 -1.30 5.41 16.69
N GLY B 21 -0.65 6.20 17.53
CA GLY B 21 0.66 6.79 17.26
C GLY B 21 1.68 6.46 18.30
N VAL B 22 2.96 6.49 17.91
CA VAL B 22 4.11 6.34 18.83
C VAL B 22 5.05 7.51 18.61
N PHE B 23 5.52 8.09 19.70
CA PHE B 23 6.63 9.03 19.66
C PHE B 23 7.92 8.27 19.97
N GLN B 24 8.83 8.26 18.99
CA GLN B 24 10.09 7.49 18.97
C GLN B 24 11.10 8.32 18.16
N HIS B 25 12.38 8.38 18.62
CA HIS B 25 13.46 9.13 17.93
C HIS B 25 13.02 10.55 17.55
N GLY B 26 12.38 11.25 18.50
CA GLY B 26 11.97 12.65 18.38
C GLY B 26 10.76 12.96 17.50
N LYS B 27 10.08 11.95 16.93
CA LYS B 27 8.95 12.22 16.02
C LYS B 27 7.83 11.20 16.22
N VAL B 28 6.62 11.53 15.73
CA VAL B 28 5.46 10.64 15.80
C VAL B 28 5.47 9.79 14.56
N GLU B 29 5.25 8.51 14.72
CA GLU B 29 4.92 7.61 13.60
C GLU B 29 3.49 7.13 13.85
N ILE B 30 2.63 7.26 12.85
CA ILE B 30 1.28 6.75 12.99
C ILE B 30 1.32 5.34 12.48
N ILE B 31 0.62 4.41 13.14
CA ILE B 31 0.89 2.99 12.93
C ILE B 31 -0.19 2.29 12.06
N ALA B 32 0.24 1.65 10.95
CA ALA B 32 -0.69 0.90 10.09
C ALA B 32 -1.07 -0.40 10.78
N ASN B 33 -2.33 -0.80 10.64
CA ASN B 33 -2.80 -2.07 11.17
C ASN B 33 -2.41 -3.29 10.25
N ASP B 34 -2.86 -4.51 10.56
CA ASP B 34 -2.53 -5.71 9.79
C ASP B 34 -3.00 -5.67 8.31
N GLN B 35 -4.02 -4.86 8.00
CA GLN B 35 -4.48 -4.65 6.63
C GLN B 35 -3.85 -3.43 5.98
N GLY B 36 -2.86 -2.82 6.65
CA GLY B 36 -2.14 -1.67 6.10
C GLY B 36 -2.82 -0.34 6.29
N ASN B 37 -3.89 -0.32 7.12
CA ASN B 37 -4.68 0.90 7.31
C ASN B 37 -4.22 1.66 8.53
N ARG B 38 -4.00 2.95 8.35
CA ARG B 38 -3.50 3.88 9.37
C ARG B 38 -4.59 4.33 10.31
N THR B 39 -5.87 4.01 9.98
CA THR B 39 -7.01 4.11 10.91
C THR B 39 -7.72 2.78 10.94
N THR B 40 -8.36 2.46 12.08
CA THR B 40 -8.97 1.16 12.30
C THR B 40 -10.45 1.37 12.67
N PRO B 41 -11.42 0.69 12.03
CA PRO B 41 -12.83 0.87 12.44
C PRO B 41 -13.04 0.56 13.92
N SER B 42 -13.79 1.42 14.62
CA SER B 42 -14.15 1.21 16.03
C SER B 42 -15.35 0.24 16.07
N TYR B 43 -15.15 -0.96 15.51
CA TYR B 43 -16.24 -1.92 15.28
C TYR B 43 -15.88 -3.20 15.95
N VAL B 44 -16.87 -3.85 16.56
CA VAL B 44 -16.72 -5.18 17.17
C VAL B 44 -17.88 -6.05 16.64
N ALA B 45 -17.55 -7.23 16.09
CA ALA B 45 -18.58 -8.13 15.55
C ALA B 45 -18.56 -9.44 16.30
N PHE B 46 -19.74 -9.98 16.58
CA PHE B 46 -19.90 -11.24 17.28
C PHE B 46 -20.50 -12.22 16.28
N THR B 47 -19.87 -13.37 16.10
CA THR B 47 -20.38 -14.33 15.14
C THR B 47 -20.72 -15.66 15.83
N ASP B 48 -21.09 -16.67 15.03
CA ASP B 48 -21.28 -18.02 15.55
C ASP B 48 -20.02 -18.61 16.20
N THR B 49 -18.84 -18.11 15.84
CA THR B 49 -17.62 -18.72 16.32
C THR B 49 -16.67 -17.75 16.97
N GLU B 50 -16.76 -16.45 16.64
CA GLU B 50 -15.67 -15.59 17.07
C GLU B 50 -16.06 -14.16 17.23
N ARG B 51 -15.15 -13.42 17.86
CA ARG B 51 -15.29 -12.01 18.01
C ARG B 51 -14.28 -11.29 17.05
N LEU B 52 -14.79 -10.43 16.17
CA LEU B 52 -13.95 -9.71 15.20
C LEU B 52 -13.85 -8.27 15.62
N ILE B 53 -12.65 -7.67 15.46
CA ILE B 53 -12.46 -6.24 15.78
C ILE B 53 -11.83 -5.54 14.63
N GLY B 54 -12.24 -4.30 14.41
CA GLY B 54 -11.53 -3.40 13.49
C GLY B 54 -11.97 -3.71 12.07
N ASP B 55 -11.00 -3.82 11.14
CA ASP B 55 -11.33 -4.05 9.73
C ASP B 55 -12.16 -5.32 9.46
N ALA B 56 -11.81 -6.45 10.13
CA ALA B 56 -12.53 -7.73 9.97
C ALA B 56 -14.00 -7.59 10.37
N ALA B 57 -14.27 -6.83 11.45
CA ALA B 57 -15.63 -6.57 11.93
C ALA B 57 -16.34 -5.68 10.90
N LYS B 58 -15.74 -4.55 10.51
CA LYS B 58 -16.37 -3.65 9.54
C LYS B 58 -16.59 -4.33 8.19
N ASN B 59 -15.68 -5.20 7.75
CA ASN B 59 -15.81 -5.85 6.44
C ASN B 59 -17.04 -6.74 6.33
N GLN B 60 -17.50 -7.33 7.46
CA GLN B 60 -18.67 -8.23 7.42
C GLN B 60 -19.99 -7.56 7.98
N VAL B 61 -20.00 -6.24 8.16
CA VAL B 61 -21.14 -5.53 8.77
C VAL B 61 -22.45 -5.75 7.99
N ALA B 62 -22.40 -5.75 6.64
CA ALA B 62 -23.61 -5.95 5.82
C ALA B 62 -24.18 -7.34 5.99
N MET B 63 -23.29 -8.32 6.27
CA MET B 63 -23.67 -9.72 6.47
C MET B 63 -24.14 -10.00 7.89
N ASN B 64 -23.80 -9.15 8.83
CA ASN B 64 -24.14 -9.47 10.21
C ASN B 64 -24.53 -8.20 11.01
N PRO B 65 -25.50 -7.38 10.51
CA PRO B 65 -25.68 -6.02 11.10
C PRO B 65 -26.22 -5.99 12.53
N THR B 66 -27.03 -6.96 12.93
CA THR B 66 -27.58 -6.92 14.30
C THR B 66 -26.54 -7.33 15.38
N ASN B 67 -25.41 -7.97 14.96
CA ASN B 67 -24.38 -8.45 15.92
C ASN B 67 -23.03 -7.73 15.75
N THR B 68 -23.06 -6.61 14.99
CA THR B 68 -21.90 -5.77 14.69
C THR B 68 -22.05 -4.40 15.36
N ILE B 69 -21.28 -4.19 16.41
CA ILE B 69 -21.35 -2.97 17.21
C ILE B 69 -20.41 -1.90 16.66
N PHE B 70 -20.91 -0.70 16.53
CA PHE B 70 -20.15 0.52 16.29
C PHE B 70 -20.84 1.63 17.13
N ASP B 71 -20.28 2.87 17.13
CA ASP B 71 -20.82 4.02 17.91
C ASP B 71 -20.97 3.78 19.40
N ALA B 72 -20.22 2.84 20.00
CA ALA B 72 -20.23 2.61 21.46
C ALA B 72 -19.79 3.89 22.18
N LYS B 73 -19.07 4.76 21.46
CA LYS B 73 -18.62 6.05 22.03
C LYS B 73 -19.82 7.00 22.29
N ARG B 74 -20.94 6.80 21.54
CA ARG B 74 -22.16 7.58 21.80
C ARG B 74 -22.88 7.12 23.07
N LEU B 75 -22.56 5.92 23.58
CA LEU B 75 -23.20 5.34 24.78
C LEU B 75 -22.34 5.45 26.02
N ILE B 76 -20.99 5.48 25.80
CA ILE B 76 -20.03 5.34 26.93
C ILE B 76 -20.27 6.43 28.00
N GLY B 77 -20.35 6.02 29.27
CA GLY B 77 -20.50 6.97 30.37
C GLY B 77 -21.91 7.57 30.50
N ARG B 78 -22.86 7.10 29.68
CA ARG B 78 -24.23 7.69 29.73
C ARG B 78 -25.20 6.76 30.49
N LYS B 79 -26.43 7.24 30.84
CA LYS B 79 -27.50 6.40 31.41
C LYS B 79 -28.39 5.99 30.25
N PHE B 80 -29.03 4.81 30.36
CA PHE B 80 -29.94 4.30 29.32
C PHE B 80 -31.08 5.31 29.04
N GLU B 81 -31.59 5.97 30.11
CA GLU B 81 -32.65 6.96 30.03
C GLU B 81 -32.26 8.29 29.36
N ASP B 82 -30.94 8.54 29.12
CA ASP B 82 -30.48 9.83 28.56
C ASP B 82 -31.12 10.02 27.20
N ALA B 83 -31.58 11.25 26.91
CA ALA B 83 -32.29 11.59 25.67
C ALA B 83 -31.44 11.24 24.44
N THR B 84 -30.11 11.51 24.47
CA THR B 84 -29.18 11.16 23.37
C THR B 84 -29.26 9.65 23.08
N VAL B 85 -29.28 8.82 24.12
CA VAL B 85 -29.23 7.35 23.99
C VAL B 85 -30.54 6.88 23.34
N GLN B 86 -31.69 7.37 23.88
CA GLN B 86 -33.02 7.00 23.39
C GLN B 86 -33.22 7.43 21.93
N SER B 87 -32.72 8.61 21.56
CA SER B 87 -32.78 9.09 20.17
C SER B 87 -31.83 8.24 19.25
N ASP B 88 -30.57 8.01 19.68
CA ASP B 88 -29.56 7.24 18.91
C ASP B 88 -29.99 5.82 18.62
N MET B 89 -30.66 5.18 19.61
CA MET B 89 -31.16 3.81 19.55
C MET B 89 -32.02 3.53 18.32
N LYS B 90 -32.87 4.50 17.94
CA LYS B 90 -33.74 4.43 16.75
C LYS B 90 -33.00 4.17 15.43
N HIS B 91 -31.70 4.51 15.33
CA HIS B 91 -30.93 4.46 14.08
C HIS B 91 -29.88 3.35 14.04
N TRP B 92 -29.83 2.52 15.09
CA TRP B 92 -28.86 1.44 15.13
C TRP B 92 -29.52 0.11 14.78
N PRO B 93 -28.83 -0.79 14.05
CA PRO B 93 -29.41 -2.13 13.77
C PRO B 93 -29.28 -3.16 14.90
N PHE B 94 -28.46 -2.86 15.88
CA PHE B 94 -28.24 -3.74 17.03
C PHE B 94 -29.12 -3.24 18.18
N ARG B 95 -29.45 -4.15 19.09
CA ARG B 95 -30.28 -3.87 20.27
C ARG B 95 -29.48 -3.24 21.39
N VAL B 96 -30.11 -2.27 22.07
CA VAL B 96 -29.56 -1.60 23.25
C VAL B 96 -30.54 -1.84 24.40
N VAL B 97 -30.02 -2.38 25.52
CA VAL B 97 -30.85 -2.74 26.69
C VAL B 97 -30.32 -2.00 27.91
N SER B 98 -31.03 -2.13 29.01
CA SER B 98 -30.69 -1.47 30.27
C SER B 98 -30.30 -2.48 31.36
N GLU B 99 -29.17 -2.23 32.06
CA GLU B 99 -28.79 -2.97 33.27
C GLU B 99 -28.36 -2.01 34.38
N GLY B 100 -29.14 -1.96 35.45
CA GLY B 100 -28.95 -1.02 36.56
C GLY B 100 -28.87 0.43 36.11
N GLY B 101 -29.75 0.79 35.17
CA GLY B 101 -29.84 2.12 34.57
C GLY B 101 -28.79 2.43 33.52
N LYS B 102 -27.85 1.50 33.27
CA LYS B 102 -26.76 1.75 32.30
C LYS B 102 -27.08 1.08 30.95
N PRO B 103 -26.69 1.67 29.80
CA PRO B 103 -26.99 1.01 28.52
C PRO B 103 -25.95 -0.10 28.31
N LYS B 104 -26.41 -1.19 27.68
CA LYS B 104 -25.60 -2.27 27.14
C LYS B 104 -26.07 -2.60 25.75
N VAL B 105 -25.14 -3.02 24.90
CA VAL B 105 -25.51 -3.58 23.62
C VAL B 105 -25.86 -5.06 23.84
N GLN B 106 -26.82 -5.58 23.09
CA GLN B 106 -27.21 -6.98 23.20
C GLN B 106 -27.01 -7.61 21.84
N VAL B 107 -26.25 -8.69 21.83
CA VAL B 107 -25.91 -9.41 20.60
C VAL B 107 -26.12 -10.92 20.81
N GLU B 108 -26.08 -11.64 19.69
CA GLU B 108 -25.92 -13.09 19.65
C GLU B 108 -24.44 -13.40 19.41
N TYR B 109 -23.89 -14.36 20.19
CA TYR B 109 -22.49 -14.75 20.12
C TYR B 109 -22.41 -16.23 20.48
N LYS B 110 -21.81 -17.06 19.59
CA LYS B 110 -21.79 -18.52 19.76
C LYS B 110 -23.21 -19.11 20.01
N GLY B 111 -24.21 -18.52 19.38
CA GLY B 111 -25.60 -18.96 19.46
C GLY B 111 -26.34 -18.63 20.76
N GLU B 112 -25.77 -17.76 21.58
CA GLU B 112 -26.33 -17.35 22.87
C GLU B 112 -26.41 -15.81 22.93
N THR B 113 -27.31 -15.27 23.76
CA THR B 113 -27.45 -13.81 23.91
C THR B 113 -26.43 -13.31 24.93
N LYS B 114 -25.69 -12.26 24.56
CA LYS B 114 -24.75 -11.62 25.46
C LYS B 114 -25.04 -10.13 25.53
N THR B 115 -24.71 -9.55 26.69
CA THR B 115 -24.76 -8.11 26.82
C THR B 115 -23.41 -7.55 27.20
N PHE B 116 -23.07 -6.36 26.66
CA PHE B 116 -21.78 -5.70 26.90
C PHE B 116 -21.99 -4.25 27.24
N PHE B 117 -21.37 -3.79 28.33
CA PHE B 117 -21.28 -2.35 28.63
C PHE B 117 -20.50 -1.60 27.53
N PRO B 118 -20.80 -0.31 27.25
CA PRO B 118 -20.03 0.41 26.20
C PRO B 118 -18.52 0.36 26.39
N GLU B 119 -18.03 0.41 27.66
CA GLU B 119 -16.59 0.37 27.96
C GLU B 119 -15.99 -1.01 27.66
N GLU B 120 -16.82 -2.08 27.68
CA GLU B 120 -16.29 -3.39 27.30
C GLU B 120 -16.07 -3.44 25.81
N ILE B 121 -16.98 -2.85 25.00
CA ILE B 121 -16.79 -2.80 23.54
C ILE B 121 -15.56 -1.90 23.23
N SER B 122 -15.52 -0.73 23.86
CA SER B 122 -14.37 0.16 23.67
C SER B 122 -13.04 -0.49 24.11
N SER B 123 -13.02 -1.25 25.20
CA SER B 123 -11.80 -2.01 25.57
C SER B 123 -11.39 -2.99 24.46
N MET B 124 -12.34 -3.66 23.80
CA MET B 124 -12.03 -4.55 22.66
C MET B 124 -11.37 -3.75 21.53
N VAL B 125 -11.91 -2.54 21.22
CA VAL B 125 -11.26 -1.67 20.23
C VAL B 125 -9.85 -1.28 20.70
N LEU B 126 -9.73 -0.87 21.98
CA LEU B 126 -8.42 -0.48 22.55
C LEU B 126 -7.41 -1.61 22.55
N THR B 127 -7.86 -2.84 22.82
CA THR B 127 -6.98 -4.04 22.72
C THR B 127 -6.45 -4.17 21.29
N LYS B 128 -7.32 -4.01 20.30
CA LYS B 128 -6.88 -4.02 18.90
C LYS B 128 -5.81 -2.92 18.60
N MET B 129 -6.04 -1.67 19.05
CA MET B 129 -5.08 -0.56 18.87
C MET B 129 -3.76 -0.88 19.59
N LYS B 130 -3.86 -1.45 20.80
CA LYS B 130 -2.70 -1.91 21.54
C LYS B 130 -1.95 -2.99 20.78
N GLU B 131 -2.64 -4.01 20.25
CA GLU B 131 -1.97 -5.10 19.51
C GLU B 131 -1.36 -4.54 18.21
N ILE B 132 -2.02 -3.55 17.57
CA ILE B 132 -1.49 -2.89 16.37
C ILE B 132 -0.12 -2.23 16.66
N ALA B 133 -0.03 -1.48 17.78
CA ALA B 133 1.22 -0.84 18.26
C ALA B 133 2.27 -1.89 18.63
N GLU B 134 1.84 -2.99 19.25
CA GLU B 134 2.81 -4.04 19.65
C GLU B 134 3.39 -4.78 18.43
N ALA B 135 2.56 -5.01 17.38
CA ALA B 135 3.07 -5.60 16.12
C ALA B 135 4.14 -4.66 15.48
N TYR B 136 3.88 -3.34 15.48
CA TYR B 136 4.83 -2.35 14.97
C TYR B 136 6.12 -2.25 15.76
N LEU B 137 6.04 -2.25 17.11
CA LEU B 137 7.18 -1.98 18.01
C LEU B 137 7.93 -3.22 18.40
N GLY B 138 7.22 -4.35 18.52
CA GLY B 138 7.73 -5.51 19.22
C GLY B 138 7.44 -5.35 20.70
N GLY B 139 7.39 -6.44 21.43
CA GLY B 139 7.21 -6.42 22.88
C GLY B 139 5.81 -5.97 23.31
N LYS B 140 5.74 -5.30 24.46
CA LYS B 140 4.46 -4.94 25.07
C LYS B 140 4.31 -3.43 25.21
N VAL B 141 3.09 -2.96 24.98
CA VAL B 141 2.71 -1.58 25.28
C VAL B 141 2.06 -1.57 26.66
N HIS B 142 2.53 -0.71 27.55
CA HIS B 142 2.04 -0.60 28.93
C HIS B 142 1.16 0.61 29.16
N SER B 143 1.49 1.76 28.49
CA SER B 143 0.81 3.02 28.81
C SER B 143 0.30 3.72 27.55
N ALA B 144 -0.73 4.57 27.70
CA ALA B 144 -1.25 5.36 26.59
C ALA B 144 -1.88 6.59 27.10
N VAL B 145 -1.83 7.64 26.28
CA VAL B 145 -2.76 8.77 26.42
C VAL B 145 -3.94 8.45 25.51
N ILE B 146 -5.16 8.63 26.01
CA ILE B 146 -6.34 8.40 25.21
C ILE B 146 -7.13 9.70 25.19
N THR B 147 -7.69 10.03 24.03
CA THR B 147 -8.38 11.29 23.84
C THR B 147 -9.87 11.12 23.89
N VAL B 148 -10.58 12.21 24.23
CA VAL B 148 -12.06 12.22 24.29
C VAL B 148 -12.55 13.58 23.77
N PRO B 149 -13.82 13.71 23.32
CA PRO B 149 -14.32 15.04 22.95
C PRO B 149 -14.27 16.01 24.13
N ALA B 150 -14.02 17.30 23.82
CA ALA B 150 -13.91 18.39 24.80
C ALA B 150 -15.18 18.45 25.62
N TYR B 151 -16.35 18.10 25.02
CA TYR B 151 -17.66 18.19 25.70
C TYR B 151 -17.92 16.97 26.64
N PHE B 152 -17.09 15.90 26.58
CA PHE B 152 -17.30 14.74 27.50
C PHE B 152 -17.30 15.18 28.98
N ASN B 153 -18.21 14.60 29.78
CA ASN B 153 -18.27 14.93 31.21
C ASN B 153 -17.41 13.91 31.97
N ASP B 154 -17.36 13.97 33.30
CA ASP B 154 -16.47 13.10 34.11
C ASP B 154 -16.87 11.66 33.99
N SER B 155 -18.19 11.39 33.91
CA SER B 155 -18.65 10.00 33.76
C SER B 155 -18.18 9.40 32.42
N GLN B 156 -18.24 10.18 31.35
CA GLN B 156 -17.81 9.70 30.05
C GLN B 156 -16.30 9.50 30.03
N ARG B 157 -15.54 10.41 30.65
CA ARG B 157 -14.08 10.32 30.79
C ARG B 157 -13.66 9.10 31.62
N GLN B 158 -14.30 8.89 32.78
CA GLN B 158 -14.05 7.73 33.63
C GLN B 158 -14.37 6.45 32.91
N ALA B 159 -15.50 6.40 32.18
CA ALA B 159 -15.87 5.15 31.47
C ALA B 159 -14.90 4.84 30.35
N THR B 160 -14.35 5.88 29.68
CA THR B 160 -13.30 5.71 28.65
C THR B 160 -12.01 5.19 29.30
N LYS B 161 -11.68 5.74 30.46
CA LYS B 161 -10.48 5.28 31.17
C LYS B 161 -10.66 3.84 31.60
N ASP B 162 -11.88 3.48 32.06
CA ASP B 162 -12.22 2.08 32.40
C ASP B 162 -12.03 1.15 31.22
N ALA B 163 -12.37 1.59 30.02
CA ALA B 163 -12.08 0.77 28.82
C ALA B 163 -10.58 0.53 28.70
N GLY B 164 -9.76 1.58 28.94
CA GLY B 164 -8.30 1.45 28.99
C GLY B 164 -7.80 0.47 30.03
N THR B 165 -8.36 0.56 31.23
CA THR B 165 -7.84 -0.26 32.31
C THR B 165 -8.33 -1.74 32.14
N ILE B 166 -9.56 -1.99 31.63
CA ILE B 166 -9.98 -3.36 31.22
C ILE B 166 -9.04 -3.97 30.16
N THR B 167 -8.62 -3.16 29.17
CA THR B 167 -7.61 -3.51 28.15
C THR B 167 -6.23 -3.84 28.79
N GLY B 168 -5.97 -3.29 29.97
CA GLY B 168 -4.70 -3.48 30.65
C GLY B 168 -3.68 -2.44 30.25
N LEU B 169 -4.14 -1.23 29.93
CA LEU B 169 -3.25 -0.06 29.75
C LEU B 169 -3.22 0.83 31.00
N ASN B 170 -2.04 1.31 31.37
CA ASN B 170 -1.88 2.46 32.26
C ASN B 170 -2.31 3.72 31.45
N VAL B 171 -3.47 4.34 31.81
CA VAL B 171 -3.94 5.56 31.13
C VAL B 171 -3.23 6.74 31.81
N LEU B 172 -2.24 7.27 31.11
CA LEU B 172 -1.39 8.33 31.62
C LEU B 172 -2.25 9.58 31.80
N ARG B 173 -3.12 9.82 30.83
CA ARG B 173 -4.01 10.99 30.83
C ARG B 173 -5.08 10.81 29.81
N ILE B 174 -6.25 11.31 30.12
CA ILE B 174 -7.37 11.49 29.19
C ILE B 174 -7.27 12.94 28.76
N ILE B 175 -7.06 13.19 27.46
CA ILE B 175 -6.96 14.61 27.05
C ILE B 175 -8.00 14.89 26.02
N ASN B 176 -8.41 16.16 25.88
CA ASN B 176 -9.36 16.52 24.85
C ASN B 176 -8.84 16.39 23.47
N GLU B 177 -9.70 15.86 22.60
CA GLU B 177 -9.36 15.72 21.16
C GLU B 177 -8.86 17.04 20.54
N PRO B 178 -9.54 18.19 20.72
CA PRO B 178 -9.02 19.40 20.06
C PRO B 178 -7.66 19.82 20.67
N THR B 179 -7.45 19.56 21.98
CA THR B 179 -6.15 19.84 22.61
C THR B 179 -5.05 18.99 22.01
N ALA B 180 -5.32 17.70 21.81
CA ALA B 180 -4.33 16.79 21.22
C ALA B 180 -4.00 17.33 19.80
N ALA B 181 -5.02 17.71 19.02
CA ALA B 181 -4.75 18.31 17.68
C ALA B 181 -3.86 19.57 17.77
N ALA B 182 -4.10 20.44 18.77
CA ALA B 182 -3.26 21.66 18.91
C ALA B 182 -1.81 21.32 19.31
N ILE B 183 -1.64 20.29 20.17
CA ILE B 183 -0.35 19.73 20.52
C ILE B 183 0.42 19.16 19.30
N ALA B 184 -0.27 18.41 18.42
CA ALA B 184 0.31 17.84 17.20
C ALA B 184 0.98 18.95 16.38
N TYR B 185 0.35 20.12 16.32
CA TYR B 185 0.91 21.27 15.60
C TYR B 185 1.91 22.12 16.44
N GLY B 186 2.26 21.69 17.66
CA GLY B 186 3.18 22.45 18.51
C GLY B 186 2.65 23.83 18.86
N LEU B 187 1.29 24.02 18.88
CA LEU B 187 0.69 25.32 19.14
C LEU B 187 0.91 25.80 20.57
N ASP B 188 1.18 24.87 21.47
CA ASP B 188 1.49 25.19 22.85
C ASP B 188 2.94 25.69 23.02
N LYS B 189 3.79 25.54 21.98
CA LYS B 189 5.19 25.98 21.97
C LYS B 189 5.46 27.08 20.94
N LYS B 190 4.47 27.38 20.08
CA LYS B 190 4.60 28.32 18.99
C LYS B 190 4.42 29.77 19.49
N GLY B 191 5.43 30.61 19.27
CA GLY B 191 5.37 32.05 19.46
C GLY B 191 4.82 32.52 20.79
N CYS B 192 5.35 31.96 21.89
CA CYS B 192 4.93 32.23 23.26
C CYS B 192 6.05 32.85 24.10
N GLY B 195 2.25 35.10 25.10
CA GLY B 195 0.88 35.59 25.18
C GLY B 195 -0.16 34.50 24.98
N GLU B 196 -1.43 34.89 25.03
CA GLU B 196 -2.55 33.98 24.83
C GLU B 196 -2.78 33.75 23.33
N LYS B 197 -3.12 32.53 22.95
CA LYS B 197 -3.49 32.20 21.59
C LYS B 197 -4.89 31.67 21.63
N ASN B 198 -5.75 32.18 20.75
CA ASN B 198 -7.06 31.63 20.45
C ASN B 198 -6.94 30.67 19.26
N VAL B 199 -7.33 29.40 19.48
CA VAL B 199 -7.18 28.30 18.52
C VAL B 199 -8.58 27.75 18.23
N LEU B 200 -8.93 27.70 16.95
CA LEU B 200 -10.18 27.07 16.57
C LEU B 200 -9.83 25.73 15.93
N ILE B 201 -10.43 24.66 16.46
CA ILE B 201 -10.29 23.31 15.89
C ILE B 201 -11.61 22.99 15.18
N PHE B 202 -11.49 22.66 13.92
CA PHE B 202 -12.65 22.33 13.07
C PHE B 202 -12.48 20.84 12.72
N ASP B 203 -13.31 19.98 13.33
CA ASP B 203 -13.13 18.52 13.28
C ASP B 203 -14.35 17.94 12.63
N LEU B 204 -14.25 17.59 11.35
CA LEU B 204 -15.35 17.03 10.59
C LEU B 204 -14.98 15.59 10.16
N GLY B 205 -15.64 14.65 10.81
CA GLY B 205 -15.36 13.22 10.73
C GLY B 205 -16.36 12.54 9.83
N GLY B 206 -16.45 11.22 9.96
CA GLY B 206 -17.38 10.43 9.16
C GLY B 206 -18.81 10.60 9.62
N GLY B 207 -19.03 10.83 10.92
CA GLY B 207 -20.40 10.99 11.42
C GLY B 207 -20.59 12.03 12.52
N THR B 208 -19.54 12.84 12.81
CA THR B 208 -19.70 13.91 13.81
C THR B 208 -18.97 15.17 13.37
N PHE B 209 -19.50 16.33 13.77
CA PHE B 209 -18.82 17.58 13.48
C PHE B 209 -18.60 18.38 14.78
N ASP B 210 -17.31 18.64 15.15
CA ASP B 210 -17.04 19.37 16.40
C ASP B 210 -16.22 20.61 16.15
N VAL B 211 -16.70 21.76 16.61
CA VAL B 211 -15.92 22.98 16.55
C VAL B 211 -15.55 23.28 17.98
N SER B 212 -14.25 23.50 18.24
CA SER B 212 -13.81 23.89 19.57
C SER B 212 -12.96 25.12 19.53
N ILE B 213 -13.18 26.04 20.47
CA ILE B 213 -12.27 27.19 20.64
C ILE B 213 -11.47 27.00 21.93
N LEU B 214 -10.14 27.04 21.83
CA LEU B 214 -9.25 26.88 22.99
C LEU B 214 -8.43 28.14 23.13
N THR B 215 -8.07 28.48 24.37
CA THR B 215 -6.95 29.40 24.58
C THR B 215 -5.76 28.60 25.01
N ILE B 216 -4.58 29.01 24.54
CA ILE B 216 -3.31 28.46 24.99
C ILE B 216 -2.41 29.61 25.41
N GLU B 217 -1.88 29.52 26.62
CA GLU B 217 -0.98 30.48 27.21
C GLU B 217 -0.03 29.76 28.13
N ASP B 218 1.28 29.98 27.95
CA ASP B 218 2.33 29.34 28.74
C ASP B 218 2.12 27.82 28.90
N GLY B 219 1.72 27.18 27.80
CA GLY B 219 1.54 25.73 27.73
C GLY B 219 0.29 25.20 28.43
N ILE B 220 -0.61 26.11 28.83
CA ILE B 220 -1.86 25.76 29.53
C ILE B 220 -3.01 25.98 28.58
N PHE B 221 -3.84 24.97 28.44
CA PHE B 221 -5.02 24.96 27.57
C PHE B 221 -6.26 25.22 28.38
N GLU B 222 -7.16 26.02 27.86
CA GLU B 222 -8.54 26.10 28.38
C GLU B 222 -9.55 26.03 27.21
N VAL B 223 -10.61 25.22 27.36
CA VAL B 223 -11.70 25.19 26.39
C VAL B 223 -12.62 26.40 26.62
N LYS B 224 -12.72 27.29 25.63
CA LYS B 224 -13.59 28.45 25.73
C LYS B 224 -15.01 28.19 25.28
N SER B 225 -15.18 27.35 24.23
CA SER B 225 -16.52 27.03 23.72
C SER B 225 -16.46 25.80 22.85
N THR B 226 -17.62 25.14 22.70
CA THR B 226 -17.74 23.96 21.83
C THR B 226 -19.03 24.09 21.08
N ALA B 227 -19.03 23.65 19.83
CA ALA B 227 -20.24 23.70 19.01
C ALA B 227 -20.14 22.61 17.98
N GLY B 228 -21.20 22.45 17.20
CA GLY B 228 -21.18 21.43 16.17
C GLY B 228 -22.47 20.70 15.98
N ASP B 229 -22.37 19.51 15.38
CA ASP B 229 -23.52 18.70 15.04
C ASP B 229 -23.07 17.25 15.21
N THR B 230 -23.68 16.56 16.17
CA THR B 230 -23.26 15.21 16.57
C THR B 230 -23.69 14.16 15.53
N HIS B 231 -24.41 14.56 14.48
CA HIS B 231 -24.91 13.62 13.47
C HIS B 231 -24.65 14.18 12.08
N LEU B 232 -23.55 14.93 11.91
CA LEU B 232 -23.13 15.37 10.60
C LEU B 232 -21.72 14.91 10.32
N GLY B 233 -21.54 14.25 9.19
CA GLY B 233 -20.19 13.94 8.69
C GLY B 233 -20.16 13.55 7.24
N GLY B 234 -19.02 12.97 6.84
CA GLY B 234 -18.78 12.51 5.47
C GLY B 234 -19.82 11.55 4.93
N GLU B 235 -20.40 10.70 5.84
CA GLU B 235 -21.50 9.81 5.43
C GLU B 235 -22.70 10.58 4.80
N ASP B 236 -22.98 11.79 5.30
CA ASP B 236 -24.05 12.64 4.75
C ASP B 236 -23.73 13.09 3.35
N PHE B 237 -22.44 13.26 3.04
CA PHE B 237 -22.02 13.76 1.73
C PHE B 237 -22.15 12.60 0.77
N ASP B 238 -21.76 11.39 1.22
CA ASP B 238 -21.95 10.13 0.46
C ASP B 238 -23.41 9.89 0.10
N ASN B 239 -24.34 10.06 1.07
CA ASN B 239 -25.80 9.93 0.85
C ASN B 239 -26.26 10.81 -0.33
N ARG B 240 -25.75 12.07 -0.43
CA ARG B 240 -26.15 12.97 -1.52
C ARG B 240 -25.64 12.44 -2.88
N MET B 241 -24.43 11.87 -2.90
CA MET B 241 -23.92 11.24 -4.13
C MET B 241 -24.75 9.99 -4.50
N VAL B 242 -25.08 9.17 -3.50
CA VAL B 242 -25.90 7.97 -3.69
C VAL B 242 -27.24 8.31 -4.36
N SER B 243 -28.00 9.30 -3.83
CA SER B 243 -29.28 9.71 -4.43
C SER B 243 -29.10 10.19 -5.85
N HIS B 244 -28.05 11.00 -6.11
CA HIS B 244 -27.78 11.50 -7.45
C HIS B 244 -27.54 10.36 -8.47
N LEU B 245 -26.68 9.42 -8.10
CA LEU B 245 -26.28 8.38 -9.02
C LEU B 245 -27.33 7.31 -9.11
N ALA B 246 -28.12 7.08 -8.02
CA ALA B 246 -29.30 6.20 -8.11
C ALA B 246 -30.32 6.74 -9.15
N GLU B 247 -30.55 8.06 -9.17
CA GLU B 247 -31.41 8.69 -10.18
C GLU B 247 -30.80 8.55 -11.59
N GLU B 248 -29.50 8.76 -11.71
CA GLU B 248 -28.83 8.60 -12.99
C GLU B 248 -29.08 7.18 -13.52
N PHE B 249 -28.87 6.14 -12.67
CA PHE B 249 -29.09 4.75 -13.09
C PHE B 249 -30.55 4.51 -13.52
N LYS B 250 -31.52 5.10 -12.78
CA LYS B 250 -32.93 4.99 -13.14
C LYS B 250 -33.19 5.70 -14.48
N ARG B 251 -32.63 6.92 -14.68
CA ARG B 251 -32.77 7.65 -15.93
C ARG B 251 -32.21 6.84 -17.10
N LYS B 252 -30.97 6.31 -16.96
CA LYS B 252 -30.28 5.58 -18.03
C LYS B 252 -30.80 4.17 -18.32
N HIS B 253 -31.26 3.43 -17.28
CA HIS B 253 -31.54 1.99 -17.42
C HIS B 253 -32.98 1.61 -17.02
N LYS B 254 -33.80 2.60 -16.59
CA LYS B 254 -35.23 2.45 -16.25
C LYS B 254 -35.44 1.37 -15.17
N LYS B 255 -34.49 1.35 -14.21
CA LYS B 255 -34.45 0.47 -13.05
C LYS B 255 -34.27 1.33 -11.79
N ASP B 256 -35.17 1.13 -10.84
CA ASP B 256 -35.10 1.81 -9.56
C ASP B 256 -34.43 0.87 -8.56
N ILE B 257 -33.19 1.18 -8.13
CA ILE B 257 -32.46 0.36 -7.16
C ILE B 257 -32.89 0.62 -5.71
N GLY B 258 -33.68 1.69 -5.50
CA GLY B 258 -34.12 2.12 -4.16
C GLY B 258 -34.64 1.03 -3.24
N PRO B 259 -35.56 0.16 -3.70
CA PRO B 259 -36.01 -0.96 -2.84
C PRO B 259 -34.99 -2.07 -2.59
N ASN B 260 -33.80 -2.02 -3.21
CA ASN B 260 -32.85 -3.14 -3.11
C ASN B 260 -31.66 -2.75 -2.19
N LYS B 261 -31.64 -3.31 -0.96
CA LYS B 261 -30.65 -2.96 0.07
C LYS B 261 -29.22 -3.20 -0.47
N ARG B 262 -28.99 -4.33 -1.16
CA ARG B 262 -27.62 -4.65 -1.62
C ARG B 262 -27.18 -3.64 -2.67
N ALA B 263 -28.05 -3.30 -3.63
CA ALA B 263 -27.63 -2.38 -4.69
C ALA B 263 -27.35 -0.97 -4.15
N VAL B 264 -28.17 -0.51 -3.17
CA VAL B 264 -27.96 0.82 -2.58
C VAL B 264 -26.61 0.80 -1.82
N ARG B 265 -26.37 -0.26 -1.05
CA ARG B 265 -25.12 -0.44 -0.32
C ARG B 265 -23.86 -0.43 -1.23
N ARG B 266 -23.91 -1.15 -2.36
CA ARG B 266 -22.80 -1.19 -3.30
C ARG B 266 -22.63 0.17 -3.94
N LEU B 267 -23.75 0.83 -4.34
CA LEU B 267 -23.64 2.22 -4.78
C LEU B 267 -23.00 3.10 -3.69
N ARG B 268 -23.36 2.92 -2.42
CA ARG B 268 -22.75 3.79 -1.38
C ARG B 268 -21.21 3.56 -1.23
N THR B 269 -20.75 2.30 -1.36
CA THR B 269 -19.34 1.89 -1.30
C THR B 269 -18.58 2.61 -2.40
N ALA B 270 -19.08 2.53 -3.66
CA ALA B 270 -18.51 3.26 -4.81
C ALA B 270 -18.46 4.77 -4.52
N CYS B 271 -19.56 5.34 -3.95
CA CYS B 271 -19.64 6.78 -3.68
C CYS B 271 -18.66 7.25 -2.65
N GLU B 272 -18.46 6.47 -1.57
CA GLU B 272 -17.45 6.76 -0.53
C GLU B 272 -16.06 6.89 -1.17
N ARG B 273 -15.74 5.93 -2.08
CA ARG B 273 -14.43 5.89 -2.73
C ARG B 273 -14.26 7.04 -3.70
N ALA B 274 -15.30 7.33 -4.52
CA ALA B 274 -15.25 8.43 -5.49
C ALA B 274 -15.04 9.78 -4.77
N LYS B 275 -15.78 10.00 -3.66
CA LYS B 275 -15.62 11.19 -2.81
C LYS B 275 -14.16 11.38 -2.36
N ARG B 276 -13.49 10.28 -1.90
CA ARG B 276 -12.09 10.43 -1.47
C ARG B 276 -11.22 10.90 -2.68
N THR B 277 -11.39 10.25 -3.85
CA THR B 277 -10.71 10.63 -5.09
C THR B 277 -10.93 12.14 -5.43
N LEU B 278 -12.15 12.65 -5.19
CA LEU B 278 -12.52 14.04 -5.51
C LEU B 278 -11.84 15.06 -4.58
N SER B 279 -11.19 14.58 -3.49
CA SER B 279 -10.41 15.51 -2.64
C SER B 279 -9.06 15.85 -3.27
N SER B 280 -8.58 15.04 -4.23
CA SER B 280 -7.32 15.32 -4.93
C SER B 280 -7.45 15.39 -6.45
N SER B 281 -8.57 14.92 -7.02
CA SER B 281 -8.80 14.98 -8.48
C SER B 281 -10.14 15.67 -8.75
N THR B 282 -10.33 16.21 -9.96
CA THR B 282 -11.55 16.94 -10.27
C THR B 282 -12.65 16.00 -10.81
N GLN B 283 -12.32 14.71 -11.00
CA GLN B 283 -13.28 13.70 -11.40
C GLN B 283 -12.92 12.32 -10.82
N ALA B 284 -13.94 11.45 -10.74
CA ALA B 284 -13.78 10.10 -10.20
C ALA B 284 -14.62 9.10 -10.99
N SER B 285 -14.11 7.91 -11.16
CA SER B 285 -14.83 6.92 -11.97
C SER B 285 -15.48 5.88 -11.05
N ILE B 286 -16.77 5.60 -11.29
CA ILE B 286 -17.59 4.56 -10.61
C ILE B 286 -17.57 3.37 -11.57
N GLU B 287 -17.30 2.16 -11.05
CA GLU B 287 -17.23 0.99 -11.91
C GLU B 287 -17.88 -0.19 -11.20
N ILE B 288 -19.22 -0.26 -11.19
CA ILE B 288 -19.92 -1.36 -10.53
C ILE B 288 -20.39 -2.42 -11.52
N ASP B 289 -19.94 -3.68 -11.34
CA ASP B 289 -20.41 -4.78 -12.17
C ASP B 289 -21.75 -5.32 -11.65
N SER B 290 -22.69 -5.66 -12.59
CA SER B 290 -24.04 -6.17 -12.29
C SER B 290 -24.61 -5.46 -11.05
N LEU B 291 -24.82 -4.14 -11.17
CA LEU B 291 -25.43 -3.39 -10.08
C LEU B 291 -26.86 -3.89 -9.88
N TYR B 292 -27.61 -4.07 -10.99
CA TYR B 292 -28.99 -4.44 -10.84
C TYR B 292 -29.43 -5.20 -12.07
N GLU B 293 -29.97 -6.41 -11.85
CA GLU B 293 -30.48 -7.30 -12.89
C GLU B 293 -29.44 -7.54 -13.99
N GLY B 294 -28.19 -7.77 -13.60
CA GLY B 294 -27.08 -7.94 -14.52
C GLY B 294 -26.66 -6.72 -15.33
N VAL B 295 -27.16 -5.51 -14.96
CA VAL B 295 -26.78 -4.25 -15.64
C VAL B 295 -25.62 -3.63 -14.85
N ASP B 296 -24.47 -3.38 -15.54
CA ASP B 296 -23.31 -2.69 -14.97
C ASP B 296 -23.60 -1.23 -14.79
N PHE B 297 -22.98 -0.58 -13.79
CA PHE B 297 -23.08 0.87 -13.66
C PHE B 297 -21.69 1.44 -13.70
N TYR B 298 -21.25 1.87 -14.88
CA TYR B 298 -19.96 2.57 -15.02
C TYR B 298 -20.29 3.98 -15.35
N THR B 299 -19.75 4.90 -14.57
CA THR B 299 -19.99 6.32 -14.77
C THR B 299 -18.87 7.15 -14.16
N SER B 300 -18.95 8.49 -14.32
CA SER B 300 -17.97 9.42 -13.75
C SER B 300 -18.71 10.57 -13.17
N ILE B 301 -18.15 11.13 -12.10
CA ILE B 301 -18.74 12.27 -11.40
C ILE B 301 -17.63 13.31 -11.23
N THR B 302 -17.97 14.58 -11.33
CA THR B 302 -16.99 15.68 -11.19
C THR B 302 -17.01 16.18 -9.75
N ARG B 303 -15.92 16.82 -9.34
CA ARG B 303 -15.83 17.58 -8.09
C ARG B 303 -16.93 18.67 -8.08
N ALA B 304 -17.08 19.45 -9.17
CA ALA B 304 -18.13 20.48 -9.22
C ALA B 304 -19.52 19.91 -8.96
N ARG B 305 -19.86 18.74 -9.55
CA ARG B 305 -21.17 18.10 -9.24
C ARG B 305 -21.25 17.72 -7.74
N PHE B 306 -20.23 17.05 -7.22
CA PHE B 306 -20.20 16.65 -5.79
C PHE B 306 -20.41 17.88 -4.84
N GLU B 307 -19.74 19.00 -5.13
CA GLU B 307 -19.87 20.25 -4.37
C GLU B 307 -21.30 20.80 -4.41
N GLU B 308 -21.90 20.82 -5.61
CA GLU B 308 -23.27 21.27 -5.81
C GLU B 308 -24.27 20.39 -5.02
N LEU B 309 -24.12 19.04 -5.09
CA LEU B 309 -25.04 18.13 -4.37
C LEU B 309 -24.97 18.35 -2.85
N ASN B 310 -23.86 18.94 -2.38
CA ASN B 310 -23.60 19.13 -0.98
C ASN B 310 -23.58 20.62 -0.52
N ALA B 311 -24.10 21.53 -1.35
CA ALA B 311 -24.03 23.00 -1.12
C ALA B 311 -24.46 23.43 0.29
N ASP B 312 -25.64 23.00 0.74
CA ASP B 312 -26.12 23.27 2.11
C ASP B 312 -25.22 22.68 3.20
N LEU B 313 -24.79 21.43 3.02
CA LEU B 313 -24.06 20.70 4.06
C LEU B 313 -22.69 21.34 4.28
N PHE B 314 -22.02 21.74 3.19
CA PHE B 314 -20.72 22.37 3.25
C PHE B 314 -20.76 23.77 3.87
N ARG B 315 -21.62 24.66 3.33
CA ARG B 315 -21.76 26.01 3.88
C ARG B 315 -22.29 25.97 5.31
N GLY B 316 -23.19 25.02 5.61
CA GLY B 316 -23.74 24.88 6.95
C GLY B 316 -22.73 24.68 8.07
N THR B 317 -21.49 24.18 7.75
CA THR B 317 -20.43 23.96 8.75
C THR B 317 -19.94 25.30 9.32
N LEU B 318 -20.18 26.42 8.63
CA LEU B 318 -19.78 27.74 9.14
C LEU B 318 -20.66 28.19 10.32
N GLU B 319 -21.89 27.65 10.43
CA GLU B 319 -22.81 28.05 11.52
C GLU B 319 -22.29 27.65 12.93
N PRO B 320 -21.88 26.38 13.19
CA PRO B 320 -21.15 26.11 14.43
C PRO B 320 -19.91 26.95 14.70
N VAL B 321 -19.12 27.30 13.65
CA VAL B 321 -18.00 28.22 13.79
C VAL B 321 -18.52 29.56 14.35
N GLU B 322 -19.52 30.16 13.70
CA GLU B 322 -20.10 31.39 14.23
C GLU B 322 -20.63 31.24 15.66
N LYS B 323 -21.29 30.11 15.98
CA LYS B 323 -21.81 29.90 17.33
C LYS B 323 -20.70 29.75 18.39
N ALA B 324 -19.60 29.05 18.04
CA ALA B 324 -18.48 28.87 18.97
C ALA B 324 -17.84 30.23 19.23
N LEU B 325 -17.66 31.04 18.16
CA LEU B 325 -17.16 32.44 18.30
C LEU B 325 -18.01 33.28 19.24
N ARG B 326 -19.35 33.22 19.05
CA ARG B 326 -20.32 33.96 19.85
C ARG B 326 -20.23 33.49 21.33
N ASP B 327 -20.21 32.14 21.56
CA ASP B 327 -20.10 31.62 22.92
C ASP B 327 -18.77 31.96 23.56
N ALA B 328 -17.66 31.90 22.82
CA ALA B 328 -16.34 32.32 23.34
C ALA B 328 -16.21 33.84 23.52
N LYS B 329 -17.19 34.62 23.02
CA LYS B 329 -17.24 36.10 23.01
C LYS B 329 -16.03 36.63 22.25
N LEU B 330 -15.77 36.01 21.10
CA LEU B 330 -14.69 36.38 20.21
C LEU B 330 -15.21 36.79 18.87
N ASP B 331 -14.57 37.79 18.31
CA ASP B 331 -14.66 38.11 16.89
C ASP B 331 -13.80 37.09 16.12
N LYS B 332 -14.13 36.77 14.84
CA LYS B 332 -13.34 35.81 14.04
C LYS B 332 -11.88 36.27 13.80
N GLY B 333 -11.67 37.60 13.79
CA GLY B 333 -10.36 38.23 13.70
C GLY B 333 -9.42 37.89 14.85
N GLN B 334 -10.00 37.50 16.00
CA GLN B 334 -9.28 37.18 17.24
C GLN B 334 -8.78 35.73 17.30
N ILE B 335 -9.11 34.91 16.29
CA ILE B 335 -8.53 33.56 16.17
C ILE B 335 -7.14 33.66 15.58
N GLN B 336 -6.11 33.16 16.32
CA GLN B 336 -4.70 33.11 15.88
C GLN B 336 -4.36 31.87 15.07
N GLU B 337 -5.03 30.74 15.34
CA GLU B 337 -4.73 29.47 14.67
C GLU B 337 -6.02 28.70 14.34
N ILE B 338 -6.11 28.17 13.12
CA ILE B 338 -7.23 27.29 12.75
C ILE B 338 -6.66 25.91 12.44
N VAL B 339 -7.26 24.83 13.01
CA VAL B 339 -6.74 23.46 12.89
C VAL B 339 -7.79 22.55 12.24
N LEU B 340 -7.44 21.92 11.12
CA LEU B 340 -8.30 20.96 10.41
C LEU B 340 -8.13 19.56 10.95
N VAL B 341 -9.25 18.95 11.43
CA VAL B 341 -9.22 17.58 11.99
C VAL B 341 -10.36 16.81 11.32
N GLY B 342 -10.16 15.51 11.12
CA GLY B 342 -11.14 14.62 10.56
C GLY B 342 -10.97 14.52 9.06
N GLY B 343 -11.29 13.34 8.49
CA GLY B 343 -11.04 13.00 7.09
C GLY B 343 -11.80 13.91 6.14
N SER B 344 -12.97 14.39 6.55
CA SER B 344 -13.78 15.23 5.65
C SER B 344 -13.18 16.61 5.40
N THR B 345 -12.19 17.02 6.19
CA THR B 345 -11.60 18.35 5.99
C THR B 345 -10.62 18.35 4.87
N ARG B 346 -10.34 17.17 4.27
CA ARG B 346 -9.60 17.09 3.00
C ARG B 346 -10.43 17.66 1.81
N ILE B 347 -11.78 17.75 1.94
CA ILE B 347 -12.63 18.29 0.86
C ILE B 347 -12.18 19.77 0.56
N PRO B 348 -11.67 20.02 -0.67
CA PRO B 348 -11.20 21.40 -1.02
C PRO B 348 -12.25 22.50 -0.80
N LYS B 349 -13.53 22.21 -1.10
CA LYS B 349 -14.60 23.23 -0.93
C LYS B 349 -14.78 23.59 0.56
N ILE B 350 -14.71 22.59 1.46
CA ILE B 350 -14.76 22.84 2.92
C ILE B 350 -13.59 23.77 3.34
N GLN B 351 -12.35 23.44 2.89
CA GLN B 351 -11.16 24.23 3.20
C GLN B 351 -11.33 25.67 2.70
N LYS B 352 -11.83 25.87 1.44
CA LYS B 352 -12.05 27.20 0.82
C LYS B 352 -13.10 27.99 1.62
N LEU B 353 -14.26 27.38 1.95
CA LEU B 353 -15.28 28.04 2.77
C LEU B 353 -14.74 28.54 4.09
N LEU B 354 -13.95 27.72 4.79
CA LEU B 354 -13.38 28.05 6.10
C LEU B 354 -12.33 29.18 5.98
N GLN B 355 -11.43 29.05 5.01
CA GLN B 355 -10.39 30.04 4.76
C GLN B 355 -11.01 31.40 4.35
N ASP B 356 -11.95 31.43 3.36
CA ASP B 356 -12.71 32.66 3.02
C ASP B 356 -13.42 33.27 4.24
N PHE B 357 -14.12 32.43 5.05
CA PHE B 357 -14.77 32.90 6.29
C PHE B 357 -13.73 33.63 7.19
N PHE B 358 -12.52 33.08 7.27
CA PHE B 358 -11.48 33.68 8.10
C PHE B 358 -10.60 34.68 7.35
N ASN B 359 -11.12 35.29 6.27
CA ASN B 359 -10.45 36.37 5.52
C ASN B 359 -9.12 35.96 4.88
N GLY B 360 -9.04 34.73 4.42
CA GLY B 360 -7.88 34.23 3.69
C GLY B 360 -6.79 33.64 4.57
N LYS B 361 -7.02 33.59 5.90
CA LYS B 361 -6.08 33.05 6.87
C LYS B 361 -5.70 31.62 6.50
N GLU B 362 -4.41 31.34 6.52
CA GLU B 362 -3.90 29.98 6.26
C GLU B 362 -4.28 29.01 7.36
N LEU B 363 -4.58 27.75 6.98
CA LEU B 363 -5.07 26.69 7.88
C LEU B 363 -3.94 25.76 8.27
N ASN B 364 -3.95 25.27 9.51
CA ASN B 364 -3.05 24.17 9.87
C ASN B 364 -3.67 22.87 9.33
N LYS B 365 -2.99 22.21 8.36
CA LYS B 365 -3.57 21.13 7.57
C LYS B 365 -2.50 20.16 7.05
N SER B 366 -1.22 20.39 7.40
CA SER B 366 -0.12 19.56 6.92
C SER B 366 -0.08 18.15 7.56
N ILE B 367 -0.74 17.93 8.69
CA ILE B 367 -0.78 16.59 9.31
C ILE B 367 -2.06 15.96 8.79
N ASN B 368 -1.99 14.71 8.30
CA ASN B 368 -3.18 13.97 7.86
C ASN B 368 -4.30 14.22 8.90
N PRO B 369 -5.44 14.82 8.49
CA PRO B 369 -6.42 15.27 9.50
C PRO B 369 -7.11 14.15 10.32
N ASP B 370 -7.17 12.92 9.77
CA ASP B 370 -7.66 11.73 10.49
C ASP B 370 -6.63 11.14 11.48
N GLU B 371 -5.41 11.74 11.51
CA GLU B 371 -4.31 11.24 12.35
C GLU B 371 -3.81 12.25 13.38
N ALA B 372 -4.23 13.52 13.23
CA ALA B 372 -3.74 14.66 14.02
C ALA B 372 -3.99 14.43 15.52
N VAL B 373 -5.17 13.87 15.85
CA VAL B 373 -5.51 13.66 17.26
C VAL B 373 -4.59 12.57 17.89
N ALA B 374 -4.43 11.40 17.24
CA ALA B 374 -3.51 10.37 17.77
C ALA B 374 -2.06 10.86 17.83
N TYR B 375 -1.67 11.67 16.83
CA TYR B 375 -0.35 12.35 16.73
C TYR B 375 -0.09 13.19 17.96
N GLY B 376 -1.05 14.05 18.33
CA GLY B 376 -0.96 14.86 19.53
C GLY B 376 -0.92 14.06 20.82
N ALA B 377 -1.74 13.02 20.89
CA ALA B 377 -1.82 12.13 22.08
C ALA B 377 -0.46 11.43 22.29
N ALA B 378 0.22 11.03 21.19
CA ALA B 378 1.52 10.36 21.22
C ALA B 378 2.62 11.35 21.73
N VAL B 379 2.61 12.60 21.25
CA VAL B 379 3.51 13.67 21.75
C VAL B 379 3.30 13.82 23.27
N GLN B 380 2.02 13.95 23.70
CA GLN B 380 1.65 14.08 25.11
C GLN B 380 2.11 12.85 25.93
N ALA B 381 1.93 11.60 25.39
CA ALA B 381 2.41 10.40 26.10
C ALA B 381 3.92 10.47 26.41
N ALA B 382 4.72 10.89 25.42
CA ALA B 382 6.20 11.04 25.53
C ALA B 382 6.64 12.05 26.59
N ILE B 383 5.88 13.16 26.72
CA ILE B 383 6.12 14.18 27.74
C ILE B 383 5.86 13.59 29.12
N LEU B 384 4.72 12.89 29.28
CA LEU B 384 4.31 12.31 30.55
C LEU B 384 5.20 11.18 31.02
N ILE B 385 5.73 10.35 30.11
CA ILE B 385 6.66 9.29 30.55
C ILE B 385 8.05 9.89 30.81
N GLY B 386 8.31 11.07 30.22
CA GLY B 386 9.46 11.91 30.53
C GLY B 386 10.80 11.37 30.12
#